data_2CP9
#
_entry.id   2CP9
#
_entity_poly.entity_id   1
_entity_poly.type   'polypeptide(L)'
_entity_poly.pdbx_seq_one_letter_code
;GSSGSSGSSKELLMKLRRKTGYSFVNCKKALETCGGDLKQAEIWLHKEAQKEGWSKAASGPSSG
;
_entity_poly.pdbx_strand_id   A
#
# COMPACT_ATOMS: atom_id res chain seq x y z
N GLY A 1 -18.29 -5.73 16.20
CA GLY A 1 -18.41 -5.90 14.76
C GLY A 1 -19.56 -5.11 14.18
N SER A 2 -19.32 -3.82 13.92
CA SER A 2 -20.34 -2.96 13.36
C SER A 2 -19.71 -1.86 12.50
N SER A 3 -20.53 -1.26 11.63
CA SER A 3 -20.05 -0.21 10.75
C SER A 3 -21.19 0.73 10.34
N GLY A 4 -20.84 1.88 9.79
CA GLY A 4 -21.85 2.83 9.37
C GLY A 4 -22.00 2.89 7.85
N SER A 5 -21.45 3.94 7.25
CA SER A 5 -21.52 4.11 5.81
C SER A 5 -20.75 3.02 5.09
N SER A 6 -21.46 1.98 4.66
CA SER A 6 -20.84 0.86 3.97
C SER A 6 -20.14 1.33 2.69
N GLY A 7 -18.82 1.17 2.66
CA GLY A 7 -18.05 1.59 1.50
C GLY A 7 -16.76 2.28 1.88
N SER A 8 -15.92 1.57 2.62
CA SER A 8 -14.64 2.12 3.06
C SER A 8 -13.71 1.02 3.55
N SER A 9 -12.41 1.17 3.28
CA SER A 9 -11.43 0.19 3.69
C SER A 9 -10.41 0.81 4.66
N LYS A 10 -10.71 0.72 5.94
CA LYS A 10 -9.83 1.27 6.97
C LYS A 10 -9.02 0.16 7.64
N GLU A 11 -9.71 -0.89 8.09
CA GLU A 11 -9.05 -2.01 8.74
C GLU A 11 -7.87 -2.51 7.91
N LEU A 12 -8.06 -2.56 6.59
CA LEU A 12 -7.02 -3.02 5.69
C LEU A 12 -5.94 -1.96 5.50
N LEU A 13 -6.36 -0.69 5.57
CA LEU A 13 -5.43 0.43 5.41
C LEU A 13 -4.45 0.49 6.58
N MET A 14 -4.96 0.28 7.78
CA MET A 14 -4.13 0.30 8.98
C MET A 14 -3.11 -0.83 8.96
N LYS A 15 -3.53 -2.00 8.47
CA LYS A 15 -2.66 -3.16 8.40
C LYS A 15 -1.58 -2.97 7.33
N LEU A 16 -2.01 -2.55 6.15
CA LEU A 16 -1.08 -2.32 5.05
C LEU A 16 -0.11 -1.18 5.37
N ARG A 17 -0.46 -0.39 6.37
CA ARG A 17 0.37 0.74 6.77
C ARG A 17 1.68 0.25 7.39
N ARG A 18 1.57 -0.72 8.30
CA ARG A 18 2.74 -1.28 8.96
C ARG A 18 3.45 -2.30 8.06
N LYS A 19 2.67 -3.01 7.27
CA LYS A 19 3.21 -4.03 6.36
C LYS A 19 4.28 -3.42 5.45
N THR A 20 3.85 -2.51 4.58
CA THR A 20 4.77 -1.87 3.65
C THR A 20 5.56 -0.76 4.35
N GLY A 21 4.86 0.13 5.03
CA GLY A 21 5.52 1.23 5.73
C GLY A 21 5.18 2.58 5.13
N TYR A 22 4.60 2.58 3.94
CA TYR A 22 4.24 3.81 3.26
C TYR A 22 3.10 4.51 3.99
N SER A 23 3.04 5.83 3.85
CA SER A 23 2.00 6.63 4.51
C SER A 23 0.62 6.05 4.22
N PHE A 24 -0.35 6.44 5.04
CA PHE A 24 -1.72 5.95 4.88
C PHE A 24 -2.27 6.32 3.50
N VAL A 25 -2.16 7.60 3.15
CA VAL A 25 -2.64 8.08 1.86
C VAL A 25 -2.14 7.20 0.72
N ASN A 26 -0.89 6.75 0.84
CA ASN A 26 -0.29 5.90 -0.18
C ASN A 26 -1.01 4.56 -0.26
N CYS A 27 -0.86 3.75 0.79
CA CYS A 27 -1.49 2.44 0.84
C CYS A 27 -2.91 2.50 0.30
N LYS A 28 -3.66 3.52 0.70
CA LYS A 28 -5.03 3.70 0.25
C LYS A 28 -5.13 3.58 -1.27
N LYS A 29 -4.22 4.25 -1.98
CA LYS A 29 -4.20 4.22 -3.43
C LYS A 29 -4.02 2.79 -3.94
N ALA A 30 -2.98 2.13 -3.47
CA ALA A 30 -2.70 0.76 -3.87
C ALA A 30 -3.87 -0.16 -3.55
N LEU A 31 -4.56 0.14 -2.44
CA LEU A 31 -5.70 -0.67 -2.02
C LEU A 31 -6.88 -0.47 -2.97
N GLU A 32 -7.04 0.75 -3.48
CA GLU A 32 -8.13 1.07 -4.38
C GLU A 32 -7.82 0.55 -5.79
N THR A 33 -6.59 0.73 -6.23
CA THR A 33 -6.16 0.28 -7.55
C THR A 33 -6.23 -1.25 -7.67
N CYS A 34 -5.96 -1.93 -6.55
CA CYS A 34 -5.99 -3.38 -6.53
C CYS A 34 -7.38 -3.90 -6.14
N GLY A 35 -7.94 -3.31 -5.09
CA GLY A 35 -9.25 -3.72 -4.63
C GLY A 35 -9.21 -4.45 -3.30
N GLY A 36 -8.62 -3.81 -2.30
CA GLY A 36 -8.52 -4.44 -0.99
C GLY A 36 -7.81 -5.77 -1.04
N ASP A 37 -6.58 -5.76 -1.54
CA ASP A 37 -5.79 -6.98 -1.64
C ASP A 37 -4.38 -6.76 -1.11
N LEU A 38 -4.20 -6.96 0.19
CA LEU A 38 -2.90 -6.77 0.83
C LEU A 38 -1.77 -7.18 -0.11
N LYS A 39 -1.93 -8.35 -0.74
CA LYS A 39 -0.92 -8.86 -1.67
C LYS A 39 -0.78 -7.92 -2.87
N GLN A 40 -1.84 -7.81 -3.66
CA GLN A 40 -1.83 -6.96 -4.85
C GLN A 40 -1.63 -5.50 -4.46
N ALA A 41 -1.67 -5.23 -3.15
CA ALA A 41 -1.49 -3.87 -2.65
C ALA A 41 -0.05 -3.63 -2.21
N GLU A 42 0.56 -4.65 -1.64
CA GLU A 42 1.94 -4.56 -1.18
C GLU A 42 2.92 -4.52 -2.35
N ILE A 43 2.60 -5.29 -3.40
CA ILE A 43 3.44 -5.33 -4.59
C ILE A 43 3.39 -4.03 -5.36
N TRP A 44 2.19 -3.44 -5.43
CA TRP A 44 2.01 -2.18 -6.13
C TRP A 44 2.94 -1.10 -5.60
N LEU A 45 2.64 -0.62 -4.39
CA LEU A 45 3.46 0.42 -3.76
C LEU A 45 4.94 0.22 -4.09
N HIS A 46 5.46 -0.96 -3.76
CA HIS A 46 6.87 -1.27 -4.03
C HIS A 46 7.21 -1.01 -5.49
N LYS A 47 6.38 -1.52 -6.40
CA LYS A 47 6.60 -1.34 -7.83
C LYS A 47 6.65 0.15 -8.18
N GLU A 48 5.59 0.87 -7.82
CA GLU A 48 5.52 2.30 -8.11
C GLU A 48 6.79 3.02 -7.65
N ALA A 49 7.26 2.66 -6.46
CA ALA A 49 8.46 3.28 -5.91
C ALA A 49 9.66 3.07 -6.84
N GLN A 50 9.84 1.82 -7.29
CA GLN A 50 10.94 1.49 -8.18
C GLN A 50 10.96 2.42 -9.40
N LYS A 51 9.78 2.66 -9.96
CA LYS A 51 9.66 3.53 -11.13
C LYS A 51 9.81 4.99 -10.73
N GLU A 52 8.87 5.48 -9.92
CA GLU A 52 8.90 6.87 -9.47
C GLU A 52 10.25 7.21 -8.83
N GLY A 53 10.56 6.51 -7.75
CA GLY A 53 11.82 6.74 -7.07
C GLY A 53 11.63 7.47 -5.74
N TRP A 54 10.66 7.02 -4.96
CA TRP A 54 10.38 7.63 -3.67
C TRP A 54 11.57 7.49 -2.72
N SER A 55 12.00 6.25 -2.51
CA SER A 55 13.13 5.97 -1.62
C SER A 55 14.35 5.54 -2.42
N LYS A 56 15.53 5.91 -1.93
CA LYS A 56 16.78 5.55 -2.59
C LYS A 56 16.89 4.04 -2.77
N ALA A 57 16.85 3.31 -1.65
CA ALA A 57 16.95 1.86 -1.69
C ALA A 57 16.23 1.29 -2.91
N ALA A 58 16.74 0.18 -3.43
CA ALA A 58 16.14 -0.46 -4.59
C ALA A 58 14.92 -1.29 -4.20
N SER A 59 13.79 -1.00 -4.81
CA SER A 59 12.55 -1.71 -4.52
C SER A 59 12.64 -3.16 -4.99
N GLY A 60 12.86 -3.35 -6.28
CA GLY A 60 12.96 -4.69 -6.83
C GLY A 60 12.29 -4.81 -8.18
N PRO A 61 13.02 -4.42 -9.24
CA PRO A 61 12.51 -4.48 -10.62
C PRO A 61 12.38 -5.91 -11.12
N SER A 62 11.14 -6.31 -11.40
CA SER A 62 10.87 -7.66 -11.89
C SER A 62 10.24 -7.62 -13.28
N SER A 63 10.37 -8.72 -14.01
CA SER A 63 9.81 -8.80 -15.36
C SER A 63 8.42 -9.45 -15.34
N GLY A 64 7.64 -9.18 -16.38
CA GLY A 64 6.30 -9.73 -16.46
C GLY A 64 5.55 -9.60 -15.15
N GLY A 1 -24.76 -3.04 13.66
CA GLY A 1 -24.14 -3.92 12.68
C GLY A 1 -25.14 -4.49 11.70
N SER A 2 -25.04 -4.08 10.44
CA SER A 2 -25.95 -4.55 9.40
C SER A 2 -25.17 -5.04 8.19
N SER A 3 -25.53 -6.23 7.70
CA SER A 3 -24.87 -6.82 6.55
C SER A 3 -24.75 -5.80 5.41
N GLY A 4 -23.56 -5.26 5.23
CA GLY A 4 -23.33 -4.28 4.18
C GLY A 4 -22.25 -4.71 3.20
N SER A 5 -22.45 -4.39 1.93
CA SER A 5 -21.49 -4.76 0.89
C SER A 5 -20.61 -3.56 0.52
N SER A 6 -21.24 -2.44 0.21
CA SER A 6 -20.52 -1.23 -0.18
C SER A 6 -20.27 -0.35 1.05
N GLY A 7 -19.01 -0.27 1.47
CA GLY A 7 -18.67 0.55 2.61
C GLY A 7 -17.30 1.18 2.49
N SER A 8 -16.87 1.88 3.53
CA SER A 8 -15.56 2.53 3.53
C SER A 8 -14.45 1.53 3.84
N SER A 9 -13.31 1.71 3.18
CA SER A 9 -12.17 0.83 3.37
C SER A 9 -11.14 1.46 4.30
N LYS A 10 -11.19 1.10 5.58
CA LYS A 10 -10.26 1.64 6.56
C LYS A 10 -9.45 0.52 7.20
N GLU A 11 -10.14 -0.41 7.85
CA GLU A 11 -9.47 -1.54 8.51
C GLU A 11 -8.29 -2.01 7.68
N LEU A 12 -8.50 -2.22 6.39
CA LEU A 12 -7.45 -2.68 5.49
C LEU A 12 -6.36 -1.63 5.35
N LEU A 13 -6.77 -0.36 5.30
CA LEU A 13 -5.83 0.73 5.17
C LEU A 13 -4.87 0.79 6.36
N MET A 14 -5.39 0.48 7.54
CA MET A 14 -4.58 0.48 8.75
C MET A 14 -3.77 -0.80 8.87
N LYS A 15 -4.32 -1.90 8.35
CA LYS A 15 -3.65 -3.19 8.40
C LYS A 15 -2.41 -3.19 7.51
N LEU A 16 -2.53 -2.57 6.33
CA LEU A 16 -1.41 -2.49 5.40
C LEU A 16 -0.30 -1.63 5.94
N ARG A 17 -0.67 -0.48 6.51
CA ARG A 17 0.31 0.44 7.08
C ARG A 17 1.44 -0.31 7.77
N ARG A 18 1.09 -1.13 8.76
CA ARG A 18 2.07 -1.90 9.49
C ARG A 18 2.66 -3.01 8.62
N LYS A 19 1.84 -3.54 7.72
CA LYS A 19 2.26 -4.60 6.82
C LYS A 19 3.53 -4.19 6.06
N THR A 20 3.50 -3.02 5.44
CA THR A 20 4.63 -2.52 4.69
C THR A 20 5.32 -1.38 5.43
N GLY A 21 4.54 -0.39 5.85
CA GLY A 21 5.10 0.74 6.56
C GLY A 21 4.88 2.05 5.83
N TYR A 22 4.73 1.98 4.50
CA TYR A 22 4.51 3.17 3.68
C TYR A 22 3.50 4.11 4.34
N SER A 23 3.53 5.37 3.93
CA SER A 23 2.62 6.36 4.48
C SER A 23 1.18 5.84 4.49
N PHE A 24 0.28 6.64 5.05
CA PHE A 24 -1.12 6.26 5.13
C PHE A 24 -1.84 6.52 3.80
N VAL A 25 -1.60 7.70 3.23
CA VAL A 25 -2.21 8.07 1.96
C VAL A 25 -1.86 7.08 0.86
N ASN A 26 -0.58 6.68 0.82
CA ASN A 26 -0.11 5.73 -0.18
C ASN A 26 -0.87 4.40 -0.07
N CYS A 27 -0.79 3.78 1.09
CA CYS A 27 -1.46 2.51 1.32
C CYS A 27 -2.85 2.50 0.68
N LYS A 28 -3.62 3.56 0.95
CA LYS A 28 -4.97 3.67 0.40
C LYS A 28 -4.95 3.54 -1.11
N LYS A 29 -3.97 4.18 -1.74
CA LYS A 29 -3.84 4.13 -3.20
C LYS A 29 -3.52 2.71 -3.68
N ALA A 30 -2.67 2.03 -2.92
CA ALA A 30 -2.28 0.66 -3.27
C ALA A 30 -3.48 -0.28 -3.18
N LEU A 31 -4.23 -0.19 -2.08
CA LEU A 31 -5.39 -1.04 -1.88
C LEU A 31 -6.43 -0.80 -2.98
N GLU A 32 -6.91 0.43 -3.08
CA GLU A 32 -7.91 0.78 -4.09
C GLU A 32 -7.49 0.27 -5.46
N THR A 33 -6.29 0.63 -5.88
CA THR A 33 -5.77 0.22 -7.18
C THR A 33 -5.66 -1.29 -7.26
N CYS A 34 -5.33 -1.93 -6.14
CA CYS A 34 -5.20 -3.37 -6.09
C CYS A 34 -6.46 -4.02 -5.52
N GLY A 35 -7.61 -3.54 -5.96
CA GLY A 35 -8.87 -4.09 -5.49
C GLY A 35 -8.81 -4.51 -4.03
N GLY A 36 -8.56 -3.54 -3.16
CA GLY A 36 -8.48 -3.83 -1.73
C GLY A 36 -7.77 -5.14 -1.46
N ASP A 37 -6.48 -5.20 -1.79
CA ASP A 37 -5.68 -6.40 -1.56
C ASP A 37 -4.43 -6.07 -0.75
N LEU A 38 -4.24 -6.79 0.35
CA LEU A 38 -3.08 -6.58 1.21
C LEU A 38 -1.81 -7.08 0.54
N LYS A 39 -1.91 -8.22 -0.13
CA LYS A 39 -0.76 -8.81 -0.82
C LYS A 39 -0.40 -7.99 -2.05
N GLN A 40 -1.32 -7.94 -3.02
CA GLN A 40 -1.09 -7.18 -4.24
C GLN A 40 -0.82 -5.71 -3.95
N ALA A 41 -1.07 -5.31 -2.70
CA ALA A 41 -0.86 -3.93 -2.28
C ALA A 41 0.63 -3.61 -2.18
N GLU A 42 1.37 -4.46 -1.48
CA GLU A 42 2.81 -4.27 -1.31
C GLU A 42 3.51 -4.22 -2.66
N ILE A 43 3.26 -5.24 -3.49
CA ILE A 43 3.88 -5.33 -4.80
C ILE A 43 3.72 -4.01 -5.57
N TRP A 44 2.49 -3.52 -5.64
CA TRP A 44 2.21 -2.27 -6.35
C TRP A 44 3.13 -1.15 -5.87
N LEU A 45 2.96 -0.76 -4.60
CA LEU A 45 3.79 0.29 -4.02
C LEU A 45 5.22 0.23 -4.54
N HIS A 46 5.80 -0.98 -4.50
CA HIS A 46 7.16 -1.17 -4.97
C HIS A 46 7.29 -0.80 -6.44
N LYS A 47 6.39 -1.34 -7.26
CA LYS A 47 6.41 -1.05 -8.69
C LYS A 47 6.35 0.45 -8.96
N GLU A 48 5.46 1.13 -8.24
CA GLU A 48 5.31 2.57 -8.40
C GLU A 48 6.54 3.31 -7.90
N ALA A 49 7.11 2.82 -6.80
CA ALA A 49 8.30 3.43 -6.21
C ALA A 49 9.47 3.38 -7.17
N GLN A 50 9.54 2.31 -7.95
CA GLN A 50 10.62 2.14 -8.92
C GLN A 50 10.32 2.90 -10.21
N LYS A 51 9.06 2.84 -10.64
CA LYS A 51 8.64 3.52 -11.86
C LYS A 51 8.73 5.03 -11.71
N GLU A 52 8.28 5.53 -10.56
CA GLU A 52 8.32 6.97 -10.28
C GLU A 52 9.67 7.38 -9.74
N GLY A 53 10.05 6.83 -8.59
CA GLY A 53 11.33 7.16 -7.99
C GLY A 53 11.17 7.89 -6.67
N TRP A 54 10.80 7.14 -5.63
CA TRP A 54 10.61 7.72 -4.30
C TRP A 54 11.84 7.49 -3.44
N SER A 55 11.81 8.01 -2.21
CA SER A 55 12.92 7.87 -1.29
C SER A 55 12.90 6.49 -0.62
N LYS A 56 11.77 6.14 -0.02
CA LYS A 56 11.63 4.86 0.64
C LYS A 56 11.31 3.76 -0.36
N ALA A 57 11.97 2.62 -0.21
CA ALA A 57 11.77 1.48 -1.10
C ALA A 57 12.43 0.22 -0.56
N ALA A 58 11.98 -0.94 -1.03
CA ALA A 58 12.52 -2.21 -0.60
C ALA A 58 13.56 -2.73 -1.58
N SER A 59 13.15 -2.91 -2.83
CA SER A 59 14.05 -3.41 -3.87
C SER A 59 15.02 -2.32 -4.32
N GLY A 60 16.28 -2.68 -4.44
CA GLY A 60 17.30 -1.73 -4.85
C GLY A 60 18.07 -2.19 -6.08
N PRO A 61 19.18 -2.90 -5.85
CA PRO A 61 20.02 -3.42 -6.93
C PRO A 61 19.34 -4.55 -7.71
N SER A 62 18.66 -5.42 -6.99
CA SER A 62 17.97 -6.55 -7.60
C SER A 62 16.46 -6.32 -7.62
N SER A 63 15.79 -6.93 -8.61
CA SER A 63 14.34 -6.78 -8.73
C SER A 63 13.67 -8.15 -8.81
N GLY A 64 12.93 -8.49 -7.77
CA GLY A 64 12.23 -9.77 -7.74
C GLY A 64 11.77 -10.15 -6.35
N GLY A 1 -15.20 -10.55 -13.92
CA GLY A 1 -15.32 -11.73 -13.07
C GLY A 1 -15.52 -11.37 -11.61
N SER A 2 -14.53 -11.68 -10.79
CA SER A 2 -14.60 -11.39 -9.35
C SER A 2 -15.32 -10.07 -9.10
N SER A 3 -16.44 -10.13 -8.38
CA SER A 3 -17.22 -8.94 -8.07
C SER A 3 -17.30 -8.73 -6.57
N GLY A 4 -17.23 -7.47 -6.15
CA GLY A 4 -17.31 -7.15 -4.74
C GLY A 4 -17.11 -5.67 -4.46
N SER A 5 -18.22 -4.96 -4.29
CA SER A 5 -18.17 -3.53 -4.03
C SER A 5 -17.71 -3.25 -2.61
N SER A 6 -16.59 -2.54 -2.48
CA SER A 6 -16.03 -2.21 -1.17
C SER A 6 -16.82 -1.08 -0.52
N GLY A 7 -16.70 -0.98 0.80
CA GLY A 7 -17.41 0.06 1.53
C GLY A 7 -16.49 0.88 2.40
N SER A 8 -15.60 0.21 3.12
CA SER A 8 -14.66 0.88 4.01
C SER A 8 -13.34 0.13 4.08
N SER A 9 -12.27 0.78 3.62
CA SER A 9 -10.94 0.18 3.62
C SER A 9 -10.11 0.69 4.79
N LYS A 10 -10.76 0.84 5.95
CA LYS A 10 -10.09 1.32 7.15
C LYS A 10 -9.22 0.22 7.76
N GLU A 11 -9.87 -0.81 8.29
CA GLU A 11 -9.16 -1.92 8.91
C GLU A 11 -7.99 -2.37 8.04
N LEU A 12 -8.26 -2.55 6.74
CA LEU A 12 -7.24 -2.99 5.80
C LEU A 12 -6.14 -1.94 5.68
N LEU A 13 -6.53 -0.67 5.73
CA LEU A 13 -5.57 0.43 5.62
C LEU A 13 -4.67 0.48 6.85
N MET A 14 -5.25 0.23 8.02
CA MET A 14 -4.49 0.23 9.26
C MET A 14 -3.48 -0.91 9.30
N LYS A 15 -3.88 -2.05 8.76
CA LYS A 15 -3.01 -3.22 8.72
C LYS A 15 -1.95 -3.09 7.64
N LEU A 16 -2.38 -2.67 6.45
CA LEU A 16 -1.46 -2.49 5.33
C LEU A 16 -0.39 -1.46 5.66
N ARG A 17 -0.77 -0.44 6.43
CA ARG A 17 0.15 0.62 6.81
C ARG A 17 1.34 0.05 7.59
N ARG A 18 1.04 -0.84 8.53
CA ARG A 18 2.08 -1.47 9.34
C ARG A 18 2.73 -2.63 8.61
N LYS A 19 2.00 -3.19 7.65
CA LYS A 19 2.50 -4.32 6.87
C LYS A 19 3.62 -3.88 5.93
N THR A 20 3.46 -2.70 5.33
CA THR A 20 4.45 -2.17 4.40
C THR A 20 5.23 -1.03 5.05
N GLY A 21 4.51 -0.11 5.68
CA GLY A 21 5.16 1.02 6.33
C GLY A 21 4.85 2.34 5.64
N TYR A 22 4.59 2.28 4.34
CA TYR A 22 4.27 3.48 3.57
C TYR A 22 3.16 4.28 4.23
N SER A 23 3.17 5.59 4.02
CA SER A 23 2.16 6.47 4.60
C SER A 23 0.76 6.00 4.24
N PHE A 24 -0.17 6.18 5.16
CA PHE A 24 -1.56 5.77 4.94
C PHE A 24 -2.02 6.16 3.54
N VAL A 25 -1.77 7.41 3.16
CA VAL A 25 -2.16 7.91 1.85
C VAL A 25 -1.82 6.90 0.76
N ASN A 26 -0.57 6.46 0.74
CA ASN A 26 -0.12 5.49 -0.25
C ASN A 26 -1.01 4.25 -0.25
N CYS A 27 -1.07 3.58 0.89
CA CYS A 27 -1.89 2.37 1.02
C CYS A 27 -3.28 2.60 0.46
N LYS A 28 -3.88 3.73 0.81
CA LYS A 28 -5.23 4.08 0.35
C LYS A 28 -5.31 3.94 -1.16
N LYS A 29 -4.21 4.25 -1.85
CA LYS A 29 -4.18 4.17 -3.31
C LYS A 29 -4.05 2.71 -3.76
N ALA A 30 -2.89 2.12 -3.56
CA ALA A 30 -2.64 0.75 -3.96
C ALA A 30 -3.81 -0.15 -3.54
N LEU A 31 -4.44 0.18 -2.41
CA LEU A 31 -5.56 -0.60 -1.92
C LEU A 31 -6.71 -0.60 -2.92
N GLU A 32 -7.00 0.57 -3.48
CA GLU A 32 -8.08 0.71 -4.45
C GLU A 32 -7.63 0.22 -5.83
N THR A 33 -6.49 0.73 -6.29
CA THR A 33 -5.95 0.35 -7.59
C THR A 33 -5.91 -1.17 -7.74
N CYS A 34 -5.71 -1.87 -6.63
CA CYS A 34 -5.66 -3.32 -6.65
C CYS A 34 -6.97 -3.93 -6.16
N GLY A 35 -7.56 -3.32 -5.14
CA GLY A 35 -8.81 -3.81 -4.59
C GLY A 35 -8.65 -4.43 -3.21
N GLY A 36 -8.55 -3.58 -2.20
CA GLY A 36 -8.38 -4.09 -0.84
C GLY A 36 -7.55 -5.36 -0.78
N ASP A 37 -6.50 -5.42 -1.60
CA ASP A 37 -5.64 -6.59 -1.64
C ASP A 37 -4.26 -6.25 -1.09
N LEU A 38 -4.06 -6.50 0.20
CA LEU A 38 -2.79 -6.22 0.86
C LEU A 38 -1.63 -6.72 0.00
N LYS A 39 -1.61 -8.02 -0.26
CA LYS A 39 -0.55 -8.63 -1.07
C LYS A 39 -0.40 -7.90 -2.40
N GLN A 40 -1.44 -7.95 -3.22
CA GLN A 40 -1.43 -7.29 -4.53
C GLN A 40 -1.27 -5.78 -4.37
N ALA A 41 -1.36 -5.31 -3.14
CA ALA A 41 -1.23 -3.89 -2.85
C ALA A 41 0.22 -3.53 -2.50
N GLU A 42 0.90 -4.45 -1.83
CA GLU A 42 2.29 -4.22 -1.43
C GLU A 42 3.21 -4.23 -2.65
N ILE A 43 2.91 -5.09 -3.61
CA ILE A 43 3.71 -5.19 -4.83
C ILE A 43 3.61 -3.92 -5.66
N TRP A 44 2.40 -3.38 -5.76
CA TRP A 44 2.16 -2.16 -6.53
C TRP A 44 3.04 -1.02 -6.02
N LEU A 45 2.87 -0.67 -4.74
CA LEU A 45 3.64 0.40 -4.14
C LEU A 45 5.12 0.31 -4.53
N HIS A 46 5.67 -0.91 -4.47
CA HIS A 46 7.06 -1.13 -4.83
C HIS A 46 7.31 -0.81 -6.31
N LYS A 47 6.39 -1.26 -7.17
CA LYS A 47 6.50 -1.02 -8.59
C LYS A 47 6.54 0.47 -8.90
N GLU A 48 5.68 1.23 -8.22
CA GLU A 48 5.62 2.67 -8.41
C GLU A 48 6.86 3.36 -7.86
N ALA A 49 7.34 2.86 -6.72
CA ALA A 49 8.53 3.43 -6.09
C ALA A 49 9.76 3.24 -6.98
N GLN A 50 9.85 2.10 -7.64
CA GLN A 50 10.98 1.79 -8.52
C GLN A 50 10.84 2.54 -9.84
N LYS A 51 9.64 2.54 -10.39
CA LYS A 51 9.37 3.21 -11.67
C LYS A 51 9.54 4.73 -11.52
N GLU A 52 8.97 5.27 -10.45
CA GLU A 52 9.05 6.71 -10.20
C GLU A 52 10.33 7.05 -9.43
N GLY A 53 10.48 6.46 -8.25
CA GLY A 53 11.65 6.72 -7.43
C GLY A 53 11.33 7.55 -6.20
N TRP A 54 10.84 6.88 -5.16
CA TRP A 54 10.49 7.56 -3.92
C TRP A 54 11.67 7.55 -2.94
N SER A 55 11.60 8.40 -1.93
CA SER A 55 12.66 8.50 -0.93
C SER A 55 12.10 8.28 0.48
N LYS A 56 12.36 7.10 1.03
CA LYS A 56 11.87 6.78 2.37
C LYS A 56 13.03 6.34 3.27
N ALA A 57 13.74 5.29 2.85
CA ALA A 57 14.86 4.77 3.61
C ALA A 57 16.16 4.89 2.82
N ALA A 58 17.28 4.78 3.52
CA ALA A 58 18.59 4.87 2.88
C ALA A 58 18.68 3.95 1.66
N SER A 59 18.29 2.70 1.84
CA SER A 59 18.32 1.72 0.75
C SER A 59 16.91 1.38 0.29
N GLY A 60 16.82 0.61 -0.79
CA GLY A 60 15.53 0.23 -1.32
C GLY A 60 15.14 -1.18 -0.94
N PRO A 61 13.83 -1.45 -0.88
CA PRO A 61 13.31 -2.77 -0.52
C PRO A 61 13.57 -3.82 -1.60
N SER A 62 13.22 -3.49 -2.84
CA SER A 62 13.41 -4.40 -3.96
C SER A 62 14.81 -4.99 -3.93
N SER A 63 14.90 -6.30 -3.73
CA SER A 63 16.18 -6.98 -3.69
C SER A 63 16.44 -7.75 -4.98
N GLY A 64 15.40 -8.38 -5.51
CA GLY A 64 15.53 -9.13 -6.74
C GLY A 64 14.19 -9.39 -7.41
N GLY A 1 -19.64 -10.67 14.08
CA GLY A 1 -19.35 -11.73 13.13
C GLY A 1 -18.62 -11.23 11.89
N SER A 2 -17.31 -11.03 12.02
CA SER A 2 -16.50 -10.54 10.91
C SER A 2 -17.19 -9.37 10.21
N SER A 3 -17.77 -8.48 10.99
CA SER A 3 -18.46 -7.31 10.45
C SER A 3 -17.49 -6.15 10.22
N GLY A 4 -17.92 -5.20 9.40
CA GLY A 4 -17.08 -4.05 9.11
C GLY A 4 -17.88 -2.84 8.66
N SER A 5 -17.28 -1.66 8.79
CA SER A 5 -17.95 -0.43 8.40
C SER A 5 -17.85 -0.21 6.89
N SER A 6 -19.01 -0.07 6.26
CA SER A 6 -19.06 0.14 4.81
C SER A 6 -18.51 1.51 4.44
N GLY A 7 -17.57 1.52 3.49
CA GLY A 7 -16.98 2.78 3.06
C GLY A 7 -15.46 2.78 3.20
N SER A 8 -14.96 3.56 4.16
CA SER A 8 -13.53 3.64 4.39
C SER A 8 -12.99 2.36 5.00
N SER A 9 -12.13 1.67 4.25
CA SER A 9 -11.55 0.42 4.71
C SER A 9 -10.35 0.68 5.62
N LYS A 10 -10.48 1.66 6.49
CA LYS A 10 -9.41 2.02 7.42
C LYS A 10 -8.70 0.77 7.93
N GLU A 11 -9.46 -0.14 8.52
CA GLU A 11 -8.90 -1.38 9.05
C GLU A 11 -7.91 -1.99 8.07
N LEU A 12 -8.29 -2.04 6.81
CA LEU A 12 -7.44 -2.59 5.76
C LEU A 12 -6.21 -1.71 5.53
N LEU A 13 -6.42 -0.40 5.55
CA LEU A 13 -5.33 0.54 5.36
C LEU A 13 -4.23 0.35 6.39
N MET A 14 -4.64 0.20 7.65
CA MET A 14 -3.68 0.00 8.74
C MET A 14 -2.82 -1.23 8.48
N LYS A 15 -3.41 -2.26 7.90
CA LYS A 15 -2.70 -3.49 7.60
C LYS A 15 -1.70 -3.27 6.46
N LEU A 16 -2.12 -2.54 5.44
CA LEU A 16 -1.27 -2.26 4.29
C LEU A 16 -0.11 -1.33 4.69
N ARG A 17 -0.42 -0.33 5.50
CA ARG A 17 0.58 0.62 5.96
C ARG A 17 1.76 -0.10 6.60
N ARG A 18 1.46 -0.89 7.63
CA ARG A 18 2.50 -1.64 8.35
C ARG A 18 3.15 -2.67 7.43
N LYS A 19 2.36 -3.24 6.53
CA LYS A 19 2.85 -4.24 5.60
C LYS A 19 4.00 -3.68 4.75
N THR A 20 3.76 -2.54 4.11
CA THR A 20 4.76 -1.91 3.28
C THR A 20 5.66 -0.98 4.10
N GLY A 21 5.04 -0.02 4.76
CA GLY A 21 5.78 0.93 5.58
C GLY A 21 5.58 2.37 5.14
N TYR A 22 5.17 2.54 3.90
CA TYR A 22 4.94 3.88 3.35
C TYR A 22 3.74 4.55 4.03
N SER A 23 3.63 5.86 3.82
CA SER A 23 2.53 6.62 4.42
C SER A 23 1.20 5.88 4.26
N PHE A 24 0.18 6.36 4.96
CA PHE A 24 -1.13 5.74 4.89
C PHE A 24 -1.82 6.05 3.57
N VAL A 25 -2.10 7.33 3.33
CA VAL A 25 -2.76 7.76 2.10
C VAL A 25 -2.31 6.90 0.91
N ASN A 26 -1.01 6.83 0.71
CA ASN A 26 -0.44 6.04 -0.38
C ASN A 26 -1.09 4.67 -0.45
N CYS A 27 -0.95 3.89 0.62
CA CYS A 27 -1.52 2.55 0.67
C CYS A 27 -2.98 2.56 0.21
N LYS A 28 -3.74 3.53 0.72
CA LYS A 28 -5.16 3.66 0.37
C LYS A 28 -5.35 3.48 -1.14
N LYS A 29 -4.62 4.25 -1.92
CA LYS A 29 -4.72 4.17 -3.38
C LYS A 29 -4.44 2.76 -3.86
N ALA A 30 -3.38 2.15 -3.34
CA ALA A 30 -3.01 0.79 -3.72
C ALA A 30 -4.17 -0.18 -3.49
N LEU A 31 -4.83 -0.03 -2.35
CA LEU A 31 -5.96 -0.89 -2.00
C LEU A 31 -7.03 -0.85 -3.08
N GLU A 32 -7.36 0.35 -3.53
CA GLU A 32 -8.38 0.53 -4.57
C GLU A 32 -7.90 -0.07 -5.90
N THR A 33 -6.85 0.52 -6.46
CA THR A 33 -6.31 0.05 -7.73
C THR A 33 -6.28 -1.47 -7.79
N CYS A 34 -5.90 -2.09 -6.68
CA CYS A 34 -5.83 -3.55 -6.60
C CYS A 34 -7.22 -4.14 -6.40
N GLY A 35 -7.77 -3.98 -5.20
CA GLY A 35 -9.09 -4.52 -4.90
C GLY A 35 -9.21 -5.01 -3.48
N GLY A 36 -8.66 -4.24 -2.53
CA GLY A 36 -8.72 -4.62 -1.13
C GLY A 36 -7.84 -5.82 -0.83
N ASP A 37 -6.77 -5.98 -1.60
CA ASP A 37 -5.85 -7.09 -1.40
C ASP A 37 -4.54 -6.62 -0.77
N LEU A 38 -4.44 -6.74 0.54
CA LEU A 38 -3.25 -6.32 1.26
C LEU A 38 -1.98 -6.74 0.51
N LYS A 39 -2.04 -7.92 -0.10
CA LYS A 39 -0.90 -8.45 -0.85
C LYS A 39 -0.73 -7.69 -2.16
N GLN A 40 -1.72 -7.81 -3.05
CA GLN A 40 -1.67 -7.13 -4.34
C GLN A 40 -1.41 -5.64 -4.17
N ALA A 41 -1.58 -5.14 -2.94
CA ALA A 41 -1.36 -3.74 -2.64
C ALA A 41 0.10 -3.48 -2.28
N GLU A 42 0.65 -4.34 -1.43
CA GLU A 42 2.04 -4.20 -1.00
C GLU A 42 2.99 -4.22 -2.19
N ILE A 43 2.66 -5.06 -3.18
CA ILE A 43 3.49 -5.18 -4.38
C ILE A 43 3.43 -3.90 -5.21
N TRP A 44 2.22 -3.43 -5.48
CA TRP A 44 2.04 -2.21 -6.27
C TRP A 44 2.86 -1.06 -5.70
N LEU A 45 2.52 -0.64 -4.49
CA LEU A 45 3.23 0.46 -3.83
C LEU A 45 4.73 0.35 -4.08
N HIS A 46 5.29 -0.81 -3.77
CA HIS A 46 6.71 -1.05 -3.96
C HIS A 46 7.13 -0.78 -5.40
N LYS A 47 6.42 -1.42 -6.34
CA LYS A 47 6.72 -1.24 -7.76
C LYS A 47 6.76 0.24 -8.13
N GLU A 48 5.69 0.96 -7.81
CA GLU A 48 5.61 2.38 -8.11
C GLU A 48 6.79 3.14 -7.50
N ALA A 49 7.13 2.77 -6.26
CA ALA A 49 8.24 3.42 -5.57
C ALA A 49 9.55 3.23 -6.32
N GLN A 50 9.84 1.99 -6.69
CA GLN A 50 11.07 1.67 -7.42
C GLN A 50 11.15 2.48 -8.71
N LYS A 51 10.01 2.63 -9.38
CA LYS A 51 9.96 3.39 -10.64
C LYS A 51 10.04 4.88 -10.37
N GLU A 52 8.97 5.44 -9.80
CA GLU A 52 8.93 6.86 -9.49
C GLU A 52 10.14 7.28 -8.67
N GLY A 53 10.25 6.71 -7.47
CA GLY A 53 11.36 7.05 -6.60
C GLY A 53 10.93 7.82 -5.36
N TRP A 54 10.07 7.20 -4.56
CA TRP A 54 9.57 7.84 -3.35
C TRP A 54 10.58 7.70 -2.21
N SER A 55 10.86 6.45 -1.82
CA SER A 55 11.80 6.19 -0.74
C SER A 55 13.03 7.08 -0.85
N LYS A 56 13.76 7.22 0.24
CA LYS A 56 14.96 8.06 0.27
C LYS A 56 14.61 9.50 -0.03
N ALA A 57 13.52 9.99 0.57
CA ALA A 57 13.09 11.37 0.37
C ALA A 57 13.71 12.29 1.40
N ALA A 58 14.96 12.69 1.16
CA ALA A 58 15.67 13.58 2.07
C ALA A 58 15.65 15.02 1.57
N SER A 59 15.17 15.93 2.40
CA SER A 59 15.09 17.34 2.03
C SER A 59 16.38 18.07 2.38
N GLY A 60 16.46 19.34 2.02
CA GLY A 60 17.65 20.12 2.31
C GLY A 60 18.02 21.05 1.17
N PRO A 61 19.30 21.48 1.14
CA PRO A 61 19.81 22.37 0.10
C PRO A 61 19.92 21.69 -1.25
N SER A 62 19.52 22.39 -2.30
CA SER A 62 19.57 21.85 -3.66
C SER A 62 18.57 20.72 -3.83
N SER A 63 17.38 20.89 -3.22
CA SER A 63 16.33 19.88 -3.31
C SER A 63 15.83 19.73 -4.74
N GLY A 64 15.89 18.51 -5.25
CA GLY A 64 15.43 18.25 -6.61
C GLY A 64 15.63 16.80 -7.02
N GLY A 1 -23.76 -9.44 -4.54
CA GLY A 1 -22.34 -9.73 -4.59
C GLY A 1 -21.48 -8.55 -4.16
N SER A 2 -21.79 -8.01 -2.98
CA SER A 2 -21.05 -6.86 -2.45
C SER A 2 -19.73 -7.31 -1.84
N SER A 3 -18.63 -6.82 -2.39
CA SER A 3 -17.30 -7.17 -1.90
C SER A 3 -16.80 -6.14 -0.90
N GLY A 4 -17.24 -6.28 0.35
CA GLY A 4 -16.84 -5.36 1.39
C GLY A 4 -17.93 -5.10 2.41
N SER A 5 -17.54 -4.78 3.64
CA SER A 5 -18.49 -4.52 4.70
C SER A 5 -19.04 -3.10 4.60
N SER A 6 -20.12 -2.83 5.32
CA SER A 6 -20.75 -1.51 5.31
C SER A 6 -19.81 -0.46 5.86
N GLY A 7 -19.43 0.49 5.00
CA GLY A 7 -18.52 1.55 5.41
C GLY A 7 -17.36 1.73 4.45
N SER A 8 -16.45 2.65 4.78
CA SER A 8 -15.30 2.92 3.94
C SER A 8 -14.24 1.84 4.10
N SER A 9 -13.34 1.73 3.12
CA SER A 9 -12.28 0.74 3.16
C SER A 9 -11.05 1.29 3.88
N LYS A 10 -11.06 1.18 5.21
CA LYS A 10 -9.95 1.68 6.01
C LYS A 10 -9.32 0.54 6.82
N GLU A 11 -10.13 -0.45 7.17
CA GLU A 11 -9.65 -1.60 7.94
C GLU A 11 -8.37 -2.16 7.33
N LEU A 12 -8.38 -2.34 6.01
CA LEU A 12 -7.22 -2.87 5.30
C LEU A 12 -6.07 -1.87 5.32
N LEU A 13 -6.40 -0.60 5.13
CA LEU A 13 -5.38 0.46 5.13
C LEU A 13 -4.63 0.49 6.46
N MET A 14 -5.33 0.15 7.53
CA MET A 14 -4.73 0.15 8.87
C MET A 14 -3.79 -1.04 9.03
N LYS A 15 -4.16 -2.17 8.43
CA LYS A 15 -3.34 -3.37 8.51
C LYS A 15 -2.11 -3.26 7.61
N LEU A 16 -2.35 -3.09 6.32
CA LEU A 16 -1.25 -2.96 5.36
C LEU A 16 -0.16 -2.03 5.89
N ARG A 17 -0.57 -0.96 6.55
CA ARG A 17 0.38 -0.01 7.11
C ARG A 17 1.38 -0.70 8.02
N ARG A 18 0.88 -1.51 8.94
CA ARG A 18 1.74 -2.23 9.88
C ARG A 18 2.44 -3.39 9.18
N LYS A 19 2.20 -3.52 7.89
CA LYS A 19 2.81 -4.59 7.10
C LYS A 19 3.94 -4.05 6.24
N THR A 20 3.71 -2.89 5.62
CA THR A 20 4.72 -2.26 4.77
C THR A 20 5.35 -1.06 5.47
N GLY A 21 4.52 -0.15 5.94
CA GLY A 21 5.01 1.03 6.62
C GLY A 21 4.64 2.31 5.89
N TYR A 22 4.54 2.24 4.57
CA TYR A 22 4.19 3.40 3.77
C TYR A 22 3.10 4.23 4.44
N SER A 23 3.07 5.52 4.14
CA SER A 23 2.08 6.42 4.72
C SER A 23 0.67 5.98 4.36
N PHE A 24 -0.33 6.59 5.00
CA PHE A 24 -1.72 6.25 4.75
C PHE A 24 -2.11 6.55 3.31
N VAL A 25 -1.78 7.76 2.86
CA VAL A 25 -2.10 8.17 1.49
C VAL A 25 -1.70 7.10 0.49
N ASN A 26 -0.52 6.51 0.69
CA ASN A 26 -0.03 5.47 -0.20
C ASN A 26 -0.87 4.20 -0.08
N CYS A 27 -0.75 3.52 1.06
CA CYS A 27 -1.51 2.30 1.30
C CYS A 27 -2.96 2.45 0.84
N LYS A 28 -3.52 3.63 1.06
CA LYS A 28 -4.90 3.91 0.66
C LYS A 28 -5.07 3.77 -0.84
N LYS A 29 -4.05 4.19 -1.59
CA LYS A 29 -4.10 4.11 -3.05
C LYS A 29 -3.92 2.67 -3.52
N ALA A 30 -2.70 2.16 -3.39
CA ALA A 30 -2.41 0.79 -3.79
C ALA A 30 -3.55 -0.16 -3.44
N LEU A 31 -4.14 0.06 -2.27
CA LEU A 31 -5.25 -0.78 -1.82
C LEU A 31 -6.40 -0.74 -2.82
N GLU A 32 -6.91 0.46 -3.09
CA GLU A 32 -8.01 0.61 -4.03
C GLU A 32 -7.64 0.06 -5.40
N THR A 33 -6.65 0.69 -6.04
CA THR A 33 -6.20 0.25 -7.36
C THR A 33 -6.05 -1.26 -7.42
N CYS A 34 -5.51 -1.84 -6.35
CA CYS A 34 -5.31 -3.28 -6.28
C CYS A 34 -6.60 -4.00 -5.89
N GLY A 35 -7.49 -3.27 -5.21
CA GLY A 35 -8.75 -3.85 -4.79
C GLY A 35 -8.71 -4.29 -3.34
N GLY A 36 -8.53 -3.34 -2.43
CA GLY A 36 -8.47 -3.65 -1.01
C GLY A 36 -7.70 -4.93 -0.73
N ASP A 37 -6.51 -5.03 -1.31
CA ASP A 37 -5.66 -6.20 -1.11
C ASP A 37 -4.35 -5.81 -0.43
N LEU A 38 -4.00 -6.54 0.62
CA LEU A 38 -2.77 -6.28 1.36
C LEU A 38 -1.56 -6.80 0.60
N LYS A 39 -1.72 -7.94 -0.07
CA LYS A 39 -0.65 -8.55 -0.84
C LYS A 39 -0.44 -7.81 -2.15
N GLN A 40 -1.45 -7.82 -3.01
CA GLN A 40 -1.37 -7.15 -4.30
C GLN A 40 -1.05 -5.66 -4.12
N ALA A 41 -1.15 -5.18 -2.88
CA ALA A 41 -0.87 -3.79 -2.59
C ALA A 41 0.64 -3.54 -2.48
N GLU A 42 1.30 -4.35 -1.66
CA GLU A 42 2.75 -4.23 -1.47
C GLU A 42 3.47 -4.15 -2.82
N ILE A 43 3.12 -5.06 -3.72
CA ILE A 43 3.74 -5.11 -5.04
C ILE A 43 3.55 -3.78 -5.77
N TRP A 44 2.32 -3.26 -5.75
CA TRP A 44 2.02 -2.00 -6.41
C TRP A 44 2.97 -0.90 -5.94
N LEU A 45 2.97 -0.63 -4.64
CA LEU A 45 3.83 0.39 -4.06
C LEU A 45 5.26 0.25 -4.57
N HIS A 46 5.80 -0.96 -4.47
CA HIS A 46 7.16 -1.23 -4.92
C HIS A 46 7.32 -0.91 -6.40
N LYS A 47 6.30 -1.23 -7.19
CA LYS A 47 6.33 -0.98 -8.62
C LYS A 47 6.35 0.52 -8.91
N GLU A 48 5.47 1.26 -8.23
CA GLU A 48 5.39 2.71 -8.41
C GLU A 48 6.66 3.38 -7.92
N ALA A 49 7.21 2.88 -6.82
CA ALA A 49 8.43 3.44 -6.25
C ALA A 49 9.60 3.30 -7.21
N GLN A 50 9.63 2.18 -7.94
CA GLN A 50 10.70 1.92 -8.90
C GLN A 50 10.46 2.69 -10.20
N LYS A 51 9.23 2.65 -10.68
CA LYS A 51 8.86 3.33 -11.92
C LYS A 51 9.02 4.83 -11.77
N GLU A 52 8.55 5.38 -10.65
CA GLU A 52 8.63 6.80 -10.39
C GLU A 52 9.96 7.15 -9.72
N GLY A 53 10.26 6.48 -8.63
CA GLY A 53 11.50 6.73 -7.91
C GLY A 53 11.29 7.59 -6.67
N TRP A 54 10.96 6.95 -5.57
CA TRP A 54 10.73 7.66 -4.31
C TRP A 54 12.00 7.71 -3.47
N SER A 55 11.99 8.55 -2.44
CA SER A 55 13.15 8.68 -1.55
C SER A 55 13.34 7.43 -0.70
N LYS A 56 14.14 6.50 -1.20
CA LYS A 56 14.40 5.25 -0.49
C LYS A 56 15.82 5.24 0.07
N ALA A 57 15.96 4.72 1.29
CA ALA A 57 17.26 4.64 1.94
C ALA A 57 17.66 3.19 2.20
N ALA A 58 18.50 2.65 1.32
CA ALA A 58 18.97 1.28 1.45
C ALA A 58 17.82 0.34 1.82
N SER A 59 16.65 0.60 1.26
CA SER A 59 15.47 -0.21 1.54
C SER A 59 15.78 -1.69 1.32
N GLY A 60 15.44 -2.50 2.32
CA GLY A 60 15.68 -3.93 2.23
C GLY A 60 15.42 -4.48 0.84
N PRO A 61 16.21 -5.49 0.44
CA PRO A 61 16.07 -6.11 -0.88
C PRO A 61 14.80 -6.93 -1.01
N SER A 62 14.42 -7.61 0.06
CA SER A 62 13.22 -8.43 0.07
C SER A 62 11.97 -7.56 0.03
N SER A 63 10.92 -8.07 -0.60
CA SER A 63 9.66 -7.34 -0.72
C SER A 63 8.91 -7.33 0.62
N GLY A 64 8.54 -6.15 1.08
CA GLY A 64 7.81 -6.04 2.33
C GLY A 64 6.54 -5.23 2.19
N GLY A 1 -24.51 -12.92 1.75
CA GLY A 1 -25.21 -11.67 1.96
C GLY A 1 -24.26 -10.50 2.11
N SER A 2 -23.59 -10.41 3.25
CA SER A 2 -22.64 -9.33 3.51
C SER A 2 -21.66 -9.19 2.36
N SER A 3 -21.90 -8.24 1.47
CA SER A 3 -21.04 -8.01 0.32
C SER A 3 -20.01 -6.93 0.63
N GLY A 4 -18.89 -7.33 1.22
CA GLY A 4 -17.84 -6.38 1.57
C GLY A 4 -17.49 -6.42 3.04
N SER A 5 -17.03 -5.29 3.57
CA SER A 5 -16.65 -5.19 4.97
C SER A 5 -17.73 -4.47 5.77
N SER A 6 -18.16 -5.10 6.86
CA SER A 6 -19.19 -4.52 7.72
C SER A 6 -18.62 -3.35 8.53
N GLY A 7 -17.50 -3.59 9.20
CA GLY A 7 -16.89 -2.55 10.00
C GLY A 7 -16.56 -1.31 9.19
N SER A 8 -15.28 -1.10 8.92
CA SER A 8 -14.84 0.06 8.15
C SER A 8 -13.68 -0.30 7.23
N SER A 9 -13.71 0.26 6.01
CA SER A 9 -12.66 -0.02 5.04
C SER A 9 -11.28 0.33 5.61
N LYS A 10 -11.19 1.47 6.28
CA LYS A 10 -9.93 1.91 6.87
C LYS A 10 -9.23 0.75 7.58
N GLU A 11 -10.01 -0.21 8.05
CA GLU A 11 -9.46 -1.37 8.74
C GLU A 11 -8.34 -2.01 7.92
N LEU A 12 -8.56 -2.12 6.61
CA LEU A 12 -7.57 -2.72 5.72
C LEU A 12 -6.35 -1.81 5.58
N LEU A 13 -6.60 -0.50 5.55
CA LEU A 13 -5.53 0.48 5.42
C LEU A 13 -4.61 0.45 6.63
N MET A 14 -5.20 0.37 7.82
CA MET A 14 -4.44 0.34 9.06
C MET A 14 -3.52 -0.88 9.10
N LYS A 15 -4.00 -2.00 8.57
CA LYS A 15 -3.23 -3.24 8.54
C LYS A 15 -2.12 -3.15 7.50
N LEU A 16 -2.47 -2.72 6.30
CA LEU A 16 -1.48 -2.59 5.22
C LEU A 16 -0.38 -1.61 5.60
N ARG A 17 -0.64 -0.79 6.61
CA ARG A 17 0.33 0.18 7.08
C ARG A 17 1.55 -0.51 7.68
N ARG A 18 1.30 -1.52 8.51
CA ARG A 18 2.37 -2.27 9.14
C ARG A 18 2.89 -3.38 8.24
N LYS A 19 2.40 -3.40 7.00
CA LYS A 19 2.80 -4.41 6.04
C LYS A 19 3.76 -3.81 5.00
N THR A 20 3.40 -2.65 4.48
CA THR A 20 4.23 -1.98 3.48
C THR A 20 5.08 -0.88 4.13
N GLY A 21 4.50 -0.18 5.10
CA GLY A 21 5.21 0.89 5.76
C GLY A 21 5.30 2.15 4.93
N TYR A 22 4.28 2.37 4.10
CA TYR A 22 4.24 3.56 3.25
C TYR A 22 3.26 4.59 3.80
N SER A 23 3.36 5.81 3.29
CA SER A 23 2.49 6.89 3.73
C SER A 23 1.02 6.46 3.68
N PHE A 24 0.26 6.89 4.67
CA PHE A 24 -1.17 6.55 4.74
C PHE A 24 -1.82 6.69 3.36
N VAL A 25 -1.81 7.90 2.82
CA VAL A 25 -2.40 8.16 1.52
C VAL A 25 -1.95 7.13 0.49
N ASN A 26 -0.65 6.85 0.47
CA ASN A 26 -0.08 5.89 -0.46
C ASN A 26 -0.75 4.52 -0.30
N CYS A 27 -0.57 3.92 0.86
CA CYS A 27 -1.16 2.61 1.14
C CYS A 27 -2.61 2.56 0.70
N LYS A 28 -3.37 3.60 1.05
CA LYS A 28 -4.78 3.68 0.67
C LYS A 28 -4.96 3.57 -0.83
N LYS A 29 -4.14 4.31 -1.57
CA LYS A 29 -4.20 4.31 -3.03
C LYS A 29 -3.92 2.91 -3.58
N ALA A 30 -3.00 2.20 -2.93
CA ALA A 30 -2.65 0.85 -3.35
C ALA A 30 -3.81 -0.11 -3.17
N LEU A 31 -4.56 0.06 -2.08
CA LEU A 31 -5.71 -0.78 -1.79
C LEU A 31 -6.80 -0.61 -2.84
N GLU A 32 -6.94 0.62 -3.34
CA GLU A 32 -7.95 0.91 -4.36
C GLU A 32 -7.53 0.35 -5.71
N THR A 33 -6.33 0.74 -6.16
CA THR A 33 -5.82 0.27 -7.45
C THR A 33 -5.79 -1.25 -7.51
N CYS A 34 -5.37 -1.88 -6.42
CA CYS A 34 -5.29 -3.33 -6.35
C CYS A 34 -6.68 -3.94 -6.20
N GLY A 35 -7.41 -3.50 -5.18
CA GLY A 35 -8.75 -4.02 -4.95
C GLY A 35 -8.86 -4.74 -3.62
N GLY A 36 -8.41 -4.09 -2.55
CA GLY A 36 -8.46 -4.70 -1.23
C GLY A 36 -7.70 -6.01 -1.15
N ASP A 37 -6.48 -6.01 -1.68
CA ASP A 37 -5.65 -7.21 -1.67
C ASP A 37 -4.33 -6.94 -0.96
N LEU A 38 -4.36 -6.95 0.36
CA LEU A 38 -3.16 -6.72 1.15
C LEU A 38 -1.93 -7.28 0.47
N LYS A 39 -2.08 -8.44 -0.16
CA LYS A 39 -0.99 -9.09 -0.86
C LYS A 39 -0.48 -8.21 -2.00
N GLN A 40 -1.33 -7.99 -3.00
CA GLN A 40 -0.97 -7.18 -4.15
C GLN A 40 -0.59 -5.76 -3.71
N ALA A 41 -1.41 -5.17 -2.85
CA ALA A 41 -1.15 -3.83 -2.36
C ALA A 41 0.34 -3.56 -2.21
N GLU A 42 1.06 -4.54 -1.68
CA GLU A 42 2.50 -4.42 -1.49
C GLU A 42 3.22 -4.39 -2.83
N ILE A 43 2.92 -5.36 -3.68
CA ILE A 43 3.55 -5.45 -4.99
C ILE A 43 3.39 -4.14 -5.76
N TRP A 44 2.27 -3.47 -5.55
CA TRP A 44 2.01 -2.20 -6.22
C TRP A 44 2.96 -1.11 -5.74
N LEU A 45 2.78 -0.69 -4.49
CA LEU A 45 3.63 0.35 -3.92
C LEU A 45 5.07 0.19 -4.37
N HIS A 46 5.63 -0.99 -4.14
CA HIS A 46 7.01 -1.27 -4.53
C HIS A 46 7.23 -0.97 -6.01
N LYS A 47 6.27 -1.40 -6.84
CA LYS A 47 6.35 -1.17 -8.28
C LYS A 47 6.40 0.32 -8.60
N GLU A 48 5.39 1.05 -8.14
CA GLU A 48 5.31 2.49 -8.39
C GLU A 48 6.57 3.18 -7.90
N ALA A 49 7.05 2.80 -6.72
CA ALA A 49 8.25 3.38 -6.15
C ALA A 49 9.44 3.21 -7.09
N GLN A 50 9.63 1.99 -7.59
CA GLN A 50 10.74 1.70 -8.49
C GLN A 50 10.76 2.68 -9.65
N LYS A 51 9.58 3.03 -10.16
CA LYS A 51 9.47 3.95 -11.28
C LYS A 51 9.59 5.39 -10.80
N GLU A 52 8.63 5.83 -9.98
CA GLU A 52 8.63 7.19 -9.45
C GLU A 52 9.95 7.49 -8.74
N GLY A 53 10.24 6.71 -7.69
CA GLY A 53 11.46 6.92 -6.94
C GLY A 53 11.21 7.55 -5.59
N TRP A 54 10.40 6.90 -4.77
CA TRP A 54 10.09 7.40 -3.44
C TRP A 54 11.18 7.04 -2.44
N SER A 55 12.43 7.20 -2.85
CA SER A 55 13.57 6.89 -1.99
C SER A 55 14.80 7.71 -2.39
N LYS A 56 15.47 8.26 -1.39
CA LYS A 56 16.67 9.07 -1.63
C LYS A 56 17.86 8.51 -0.87
N ALA A 57 18.58 7.59 -1.49
CA ALA A 57 19.75 6.97 -0.86
C ALA A 57 20.98 7.10 -1.76
N ALA A 58 21.95 7.90 -1.33
CA ALA A 58 23.17 8.10 -2.09
C ALA A 58 24.02 6.83 -2.10
N SER A 59 23.84 6.01 -3.13
CA SER A 59 24.58 4.76 -3.25
C SER A 59 24.45 4.19 -4.66
N GLY A 60 25.24 3.15 -4.94
CA GLY A 60 25.19 2.53 -6.26
C GLY A 60 26.47 1.78 -6.58
N PRO A 61 26.68 0.64 -5.91
CA PRO A 61 27.86 -0.20 -6.12
C PRO A 61 27.86 -0.88 -7.48
N SER A 62 26.73 -1.47 -7.84
CA SER A 62 26.60 -2.16 -9.12
C SER A 62 25.13 -2.43 -9.45
N SER A 63 24.77 -2.30 -10.73
CA SER A 63 23.41 -2.52 -11.16
C SER A 63 23.08 -4.01 -11.17
N GLY A 64 22.25 -4.44 -10.22
CA GLY A 64 21.87 -5.83 -10.14
C GLY A 64 21.55 -6.26 -8.71
N GLY A 1 -18.29 2.63 22.25
CA GLY A 1 -18.60 1.82 21.08
C GLY A 1 -18.60 2.63 19.79
N SER A 2 -17.57 2.43 18.98
CA SER A 2 -17.45 3.15 17.71
C SER A 2 -18.65 2.86 16.82
N SER A 3 -18.94 1.58 16.64
CA SER A 3 -20.07 1.17 15.79
C SER A 3 -20.12 2.01 14.51
N GLY A 4 -18.96 2.25 13.92
CA GLY A 4 -18.89 3.03 12.69
C GLY A 4 -17.95 2.43 11.68
N SER A 5 -17.25 3.29 10.94
CA SER A 5 -16.31 2.84 9.92
C SER A 5 -17.05 2.12 8.78
N SER A 6 -18.18 2.69 8.38
CA SER A 6 -18.98 2.10 7.31
C SER A 6 -18.72 2.81 5.99
N GLY A 7 -18.17 2.07 5.04
CA GLY A 7 -17.87 2.63 3.74
C GLY A 7 -16.46 2.32 3.28
N SER A 8 -15.49 3.10 3.73
CA SER A 8 -14.10 2.91 3.35
C SER A 8 -13.45 1.82 4.21
N SER A 9 -12.59 1.02 3.59
CA SER A 9 -11.91 -0.06 4.29
C SER A 9 -10.69 0.47 5.04
N LYS A 10 -10.89 0.83 6.31
CA LYS A 10 -9.82 1.33 7.14
C LYS A 10 -8.94 0.21 7.65
N GLU A 11 -9.56 -0.79 8.28
CA GLU A 11 -8.84 -1.94 8.83
C GLU A 11 -7.73 -2.36 7.87
N LEU A 12 -8.10 -2.75 6.66
CA LEU A 12 -7.14 -3.20 5.65
C LEU A 12 -6.02 -2.19 5.51
N LEU A 13 -6.37 -0.91 5.49
CA LEU A 13 -5.39 0.16 5.35
C LEU A 13 -4.45 0.20 6.55
N MET A 14 -5.01 0.01 7.74
CA MET A 14 -4.22 0.01 8.96
C MET A 14 -3.20 -1.11 8.96
N LYS A 15 -3.61 -2.28 8.46
CA LYS A 15 -2.73 -3.44 8.39
C LYS A 15 -1.64 -3.23 7.35
N LEU A 16 -2.02 -2.72 6.19
CA LEU A 16 -1.07 -2.48 5.11
C LEU A 16 -0.12 -1.35 5.47
N ARG A 17 -0.62 -0.39 6.27
CA ARG A 17 0.20 0.74 6.69
C ARG A 17 1.39 0.29 7.52
N ARG A 18 1.18 -0.75 8.32
CA ARG A 18 2.23 -1.29 9.18
C ARG A 18 3.06 -2.32 8.43
N LYS A 19 2.39 -3.13 7.61
CA LYS A 19 3.06 -4.15 6.83
C LYS A 19 4.12 -3.55 5.91
N THR A 20 3.78 -2.43 5.29
CA THR A 20 4.70 -1.75 4.39
C THR A 20 5.38 -0.57 5.08
N GLY A 21 4.58 0.27 5.73
CA GLY A 21 5.12 1.42 6.42
C GLY A 21 4.78 2.73 5.73
N TYR A 22 4.65 2.68 4.41
CA TYR A 22 4.32 3.86 3.64
C TYR A 22 3.11 4.59 4.22
N SER A 23 3.14 5.91 4.19
CA SER A 23 2.05 6.72 4.72
C SER A 23 0.70 6.18 4.26
N PHE A 24 -0.34 6.49 5.03
CA PHE A 24 -1.69 6.03 4.70
C PHE A 24 -2.04 6.36 3.26
N VAL A 25 -2.04 7.65 2.93
CA VAL A 25 -2.36 8.10 1.59
C VAL A 25 -1.85 7.12 0.54
N ASN A 26 -0.55 6.81 0.61
CA ASN A 26 0.06 5.88 -0.34
C ASN A 26 -0.65 4.53 -0.31
N CYS A 27 -0.83 3.99 0.88
CA CYS A 27 -1.50 2.70 1.04
C CYS A 27 -2.90 2.74 0.44
N LYS A 28 -3.74 3.61 0.99
CA LYS A 28 -5.12 3.74 0.51
C LYS A 28 -5.17 3.66 -1.02
N LYS A 29 -4.32 4.44 -1.68
CA LYS A 29 -4.27 4.46 -3.13
C LYS A 29 -3.97 3.07 -3.68
N ALA A 30 -3.03 2.38 -3.05
CA ALA A 30 -2.66 1.04 -3.47
C ALA A 30 -3.82 0.06 -3.31
N LEU A 31 -4.40 0.03 -2.12
CA LEU A 31 -5.52 -0.86 -1.83
C LEU A 31 -6.66 -0.64 -2.83
N GLU A 32 -6.88 0.62 -3.20
CA GLU A 32 -7.93 0.96 -4.14
C GLU A 32 -7.55 0.54 -5.56
N THR A 33 -6.45 1.10 -6.07
CA THR A 33 -5.98 0.78 -7.40
C THR A 33 -5.88 -0.73 -7.60
N CYS A 34 -5.50 -1.44 -6.56
CA CYS A 34 -5.36 -2.90 -6.61
C CYS A 34 -6.72 -3.57 -6.45
N GLY A 35 -7.46 -3.14 -5.43
CA GLY A 35 -8.77 -3.73 -5.17
C GLY A 35 -8.81 -4.52 -3.89
N GLY A 36 -8.63 -3.84 -2.76
CA GLY A 36 -8.65 -4.52 -1.48
C GLY A 36 -7.88 -5.82 -1.49
N ASP A 37 -6.70 -5.79 -2.11
CA ASP A 37 -5.86 -6.98 -2.19
C ASP A 37 -4.52 -6.74 -1.49
N LEU A 38 -4.54 -6.79 -0.16
CA LEU A 38 -3.34 -6.59 0.63
C LEU A 38 -2.12 -7.16 -0.08
N LYS A 39 -2.24 -8.37 -0.60
CA LYS A 39 -1.14 -9.01 -1.31
C LYS A 39 -0.62 -8.12 -2.42
N GLN A 40 -1.48 -7.80 -3.38
CA GLN A 40 -1.10 -6.95 -4.50
C GLN A 40 -0.66 -5.58 -4.02
N ALA A 41 -1.47 -4.96 -3.15
CA ALA A 41 -1.16 -3.65 -2.60
C ALA A 41 0.35 -3.47 -2.43
N GLU A 42 1.00 -4.48 -1.87
CA GLU A 42 2.44 -4.43 -1.65
C GLU A 42 3.20 -4.35 -2.96
N ILE A 43 3.03 -5.38 -3.80
CA ILE A 43 3.70 -5.44 -5.10
C ILE A 43 3.48 -4.14 -5.87
N TRP A 44 2.30 -3.57 -5.75
CA TRP A 44 1.96 -2.33 -6.43
C TRP A 44 2.75 -1.16 -5.86
N LEU A 45 2.64 -0.95 -4.55
CA LEU A 45 3.35 0.13 -3.88
C LEU A 45 4.84 0.11 -4.24
N HIS A 46 5.49 -1.02 -3.97
CA HIS A 46 6.91 -1.17 -4.27
C HIS A 46 7.19 -0.90 -5.74
N LYS A 47 6.31 -1.39 -6.61
CA LYS A 47 6.45 -1.20 -8.04
C LYS A 47 6.46 0.28 -8.41
N GLU A 48 5.57 1.04 -7.75
CA GLU A 48 5.48 2.48 -8.01
C GLU A 48 6.67 3.22 -7.41
N ALA A 49 7.15 2.74 -6.27
CA ALA A 49 8.29 3.34 -5.59
C ALA A 49 9.56 3.20 -6.42
N GLN A 50 9.68 2.08 -7.12
CA GLN A 50 10.84 1.82 -7.96
C GLN A 50 10.65 2.38 -9.37
N LYS A 51 9.46 2.15 -9.92
CA LYS A 51 9.14 2.62 -11.27
C LYS A 51 9.21 4.15 -11.33
N GLU A 52 8.58 4.80 -10.35
CA GLU A 52 8.57 6.25 -10.29
C GLU A 52 9.81 6.80 -9.59
N GLY A 53 10.11 6.23 -8.42
CA GLY A 53 11.28 6.66 -7.67
C GLY A 53 10.93 7.65 -6.57
N TRP A 54 10.25 7.16 -5.54
CA TRP A 54 9.84 8.01 -4.43
C TRP A 54 11.02 8.30 -3.51
N SER A 55 11.26 9.58 -3.24
CA SER A 55 12.36 9.99 -2.38
C SER A 55 12.53 9.03 -1.21
N LYS A 56 11.46 8.83 -0.45
CA LYS A 56 11.47 7.93 0.69
C LYS A 56 11.78 6.51 0.26
N ALA A 57 13.02 6.08 0.46
CA ALA A 57 13.43 4.73 0.10
C ALA A 57 13.97 3.97 1.31
N ALA A 58 13.72 2.66 1.34
CA ALA A 58 14.18 1.83 2.44
C ALA A 58 15.39 1.00 2.03
N SER A 59 16.58 1.55 2.26
CA SER A 59 17.82 0.87 1.90
C SER A 59 18.09 -0.29 2.85
N GLY A 60 17.94 -0.04 4.15
CA GLY A 60 18.17 -1.08 5.14
C GLY A 60 17.02 -2.06 5.23
N PRO A 61 16.93 -2.78 6.36
CA PRO A 61 15.88 -3.76 6.59
C PRO A 61 14.51 -3.12 6.79
N SER A 62 13.48 -3.95 6.96
CA SER A 62 12.13 -3.45 7.16
C SER A 62 11.71 -3.58 8.62
N SER A 63 11.65 -2.44 9.31
CA SER A 63 11.27 -2.42 10.72
C SER A 63 11.82 -3.65 11.45
N GLY A 64 13.10 -3.91 11.25
CA GLY A 64 13.73 -5.05 11.89
C GLY A 64 14.81 -4.64 12.87
N GLY A 1 -13.11 -14.48 7.71
CA GLY A 1 -13.53 -13.41 6.82
C GLY A 1 -14.96 -13.60 6.34
N SER A 2 -15.91 -13.06 7.10
CA SER A 2 -17.32 -13.17 6.75
C SER A 2 -17.86 -11.83 6.25
N SER A 3 -18.73 -11.90 5.23
CA SER A 3 -19.31 -10.69 4.66
C SER A 3 -19.71 -9.70 5.76
N GLY A 4 -19.03 -8.56 5.79
CA GLY A 4 -19.32 -7.55 6.79
C GLY A 4 -19.89 -6.28 6.19
N SER A 5 -19.04 -5.26 6.04
CA SER A 5 -19.47 -3.99 5.48
C SER A 5 -18.59 -3.59 4.31
N SER A 6 -19.22 -3.16 3.22
CA SER A 6 -18.49 -2.74 2.03
C SER A 6 -18.44 -1.22 1.91
N GLY A 7 -17.41 -0.72 1.25
CA GLY A 7 -17.26 0.72 1.09
C GLY A 7 -16.14 1.29 1.93
N SER A 8 -16.40 1.47 3.22
CA SER A 8 -15.40 2.03 4.13
C SER A 8 -14.42 0.95 4.57
N SER A 9 -13.31 0.83 3.85
CA SER A 9 -12.29 -0.17 4.17
C SER A 9 -11.10 0.47 4.88
N LYS A 10 -11.18 0.54 6.21
CA LYS A 10 -10.11 1.13 7.01
C LYS A 10 -9.22 0.05 7.60
N GLU A 11 -9.81 -0.89 8.32
CA GLU A 11 -9.07 -1.99 8.94
C GLU A 11 -7.91 -2.43 8.04
N LEU A 12 -8.22 -2.66 6.76
CA LEU A 12 -7.21 -3.09 5.80
C LEU A 12 -6.19 -1.98 5.56
N LEU A 13 -6.67 -0.74 5.49
CA LEU A 13 -5.80 0.40 5.26
C LEU A 13 -4.75 0.52 6.37
N MET A 14 -5.19 0.30 7.61
CA MET A 14 -4.30 0.39 8.77
C MET A 14 -3.33 -0.79 8.78
N LYS A 15 -3.84 -1.97 8.45
CA LYS A 15 -3.01 -3.18 8.44
C LYS A 15 -1.91 -3.07 7.37
N LEU A 16 -2.27 -2.52 6.22
CA LEU A 16 -1.32 -2.35 5.13
C LEU A 16 -0.16 -1.46 5.54
N ARG A 17 -0.46 -0.46 6.36
CA ARG A 17 0.56 0.48 6.83
C ARG A 17 1.65 -0.26 7.60
N ARG A 18 1.25 -1.18 8.47
CA ARG A 18 2.18 -1.95 9.26
C ARG A 18 2.84 -3.05 8.43
N LYS A 19 2.11 -3.54 7.44
CA LYS A 19 2.62 -4.59 6.57
C LYS A 19 3.77 -4.07 5.71
N THR A 20 3.60 -2.88 5.17
CA THR A 20 4.63 -2.26 4.33
C THR A 20 5.35 -1.15 5.07
N GLY A 21 4.59 -0.19 5.60
CA GLY A 21 5.18 0.91 6.32
C GLY A 21 4.76 2.26 5.76
N TYR A 22 4.49 2.30 4.47
CA TYR A 22 4.09 3.53 3.80
C TYR A 22 3.03 4.27 4.62
N SER A 23 2.72 5.49 4.20
CA SER A 23 1.72 6.30 4.89
C SER A 23 0.30 5.87 4.53
N PHE A 24 -0.68 6.51 5.14
CA PHE A 24 -2.09 6.18 4.89
C PHE A 24 -2.48 6.60 3.47
N VAL A 25 -2.25 7.86 3.14
CA VAL A 25 -2.57 8.38 1.82
C VAL A 25 -2.16 7.40 0.72
N ASN A 26 -0.90 6.98 0.76
CA ASN A 26 -0.38 6.05 -0.24
C ASN A 26 -1.13 4.72 -0.18
N CYS A 27 -1.10 4.07 0.98
CA CYS A 27 -1.77 2.80 1.17
C CYS A 27 -3.18 2.83 0.57
N LYS A 28 -3.99 3.78 1.04
CA LYS A 28 -5.36 3.92 0.55
C LYS A 28 -5.40 3.81 -0.98
N LYS A 29 -4.42 4.42 -1.63
CA LYS A 29 -4.34 4.40 -3.09
C LYS A 29 -4.07 2.99 -3.59
N ALA A 30 -3.04 2.35 -3.03
CA ALA A 30 -2.68 0.99 -3.43
C ALA A 30 -3.86 0.04 -3.27
N LEU A 31 -4.44 0.00 -2.08
CA LEU A 31 -5.58 -0.87 -1.81
C LEU A 31 -6.69 -0.64 -2.82
N GLU A 32 -6.86 0.62 -3.24
CA GLU A 32 -7.89 0.97 -4.20
C GLU A 32 -7.53 0.46 -5.59
N THR A 33 -6.38 0.90 -6.10
CA THR A 33 -5.92 0.48 -7.42
C THR A 33 -5.82 -1.03 -7.52
N CYS A 34 -5.46 -1.67 -6.42
CA CYS A 34 -5.32 -3.13 -6.37
C CYS A 34 -6.69 -3.80 -6.23
N GLY A 35 -7.41 -3.44 -5.17
CA GLY A 35 -8.72 -4.02 -4.94
C GLY A 35 -8.83 -4.69 -3.58
N GLY A 36 -8.58 -3.93 -2.52
CA GLY A 36 -8.65 -4.48 -1.18
C GLY A 36 -7.79 -5.72 -1.01
N ASP A 37 -6.61 -5.70 -1.60
CA ASP A 37 -5.69 -6.82 -1.51
C ASP A 37 -4.38 -6.41 -0.86
N LEU A 38 -4.15 -6.89 0.36
CA LEU A 38 -2.94 -6.58 1.09
C LEU A 38 -1.70 -7.05 0.33
N LYS A 39 -1.79 -8.24 -0.24
CA LYS A 39 -0.68 -8.82 -1.00
C LYS A 39 -0.30 -7.91 -2.16
N GLN A 40 -1.24 -7.70 -3.08
CA GLN A 40 -1.00 -6.86 -4.25
C GLN A 40 -0.65 -5.43 -3.82
N ALA A 41 -1.44 -4.88 -2.92
CA ALA A 41 -1.22 -3.52 -2.43
C ALA A 41 0.27 -3.21 -2.35
N GLU A 42 1.02 -4.11 -1.72
CA GLU A 42 2.46 -3.93 -1.58
C GLU A 42 3.15 -3.88 -2.94
N ILE A 43 3.04 -4.96 -3.69
CA ILE A 43 3.65 -5.03 -5.02
C ILE A 43 3.44 -3.74 -5.79
N TRP A 44 2.25 -3.17 -5.66
CA TRP A 44 1.92 -1.92 -6.35
C TRP A 44 2.87 -0.80 -5.93
N LEU A 45 2.79 -0.42 -4.66
CA LEU A 45 3.64 0.65 -4.12
C LEU A 45 5.09 0.42 -4.51
N HIS A 46 5.61 -0.77 -4.22
CA HIS A 46 6.98 -1.11 -4.55
C HIS A 46 7.24 -0.97 -6.04
N LYS A 47 6.31 -1.47 -6.84
CA LYS A 47 6.44 -1.41 -8.30
C LYS A 47 6.54 0.03 -8.77
N GLU A 48 5.61 0.88 -8.32
CA GLU A 48 5.59 2.28 -8.70
C GLU A 48 6.90 2.97 -8.28
N ALA A 49 7.35 2.66 -7.06
CA ALA A 49 8.58 3.25 -6.55
C ALA A 49 9.75 2.96 -7.47
N GLN A 50 9.89 1.70 -7.87
CA GLN A 50 10.97 1.29 -8.75
C GLN A 50 11.04 2.17 -9.99
N LYS A 51 9.87 2.45 -10.57
CA LYS A 51 9.79 3.29 -11.76
C LYS A 51 9.97 4.76 -11.41
N GLU A 52 9.03 5.31 -10.64
CA GLU A 52 9.10 6.70 -10.23
C GLU A 52 10.45 7.03 -9.60
N GLY A 53 10.75 6.36 -8.48
CA GLY A 53 12.01 6.59 -7.80
C GLY A 53 11.84 7.37 -6.51
N TRP A 54 10.90 6.93 -5.69
CA TRP A 54 10.63 7.60 -4.42
C TRP A 54 11.79 7.42 -3.44
N SER A 55 12.76 8.32 -3.52
CA SER A 55 13.93 8.25 -2.65
C SER A 55 14.59 9.62 -2.52
N LYS A 56 15.44 9.76 -1.50
CA LYS A 56 16.13 11.02 -1.25
C LYS A 56 17.58 10.95 -1.76
N ALA A 57 18.34 10.02 -1.21
CA ALA A 57 19.74 9.84 -1.60
C ALA A 57 19.84 8.97 -2.85
N ALA A 58 19.26 7.79 -2.79
CA ALA A 58 19.29 6.86 -3.92
C ALA A 58 18.93 7.57 -5.23
N SER A 59 19.89 7.64 -6.15
CA SER A 59 19.68 8.29 -7.43
C SER A 59 18.75 7.46 -8.31
N GLY A 60 19.04 6.17 -8.40
CA GLY A 60 18.21 5.29 -9.21
C GLY A 60 19.02 4.59 -10.29
N PRO A 61 19.68 3.48 -9.92
CA PRO A 61 20.49 2.70 -10.85
C PRO A 61 19.65 1.97 -11.90
N SER A 62 18.33 2.19 -11.85
CA SER A 62 17.43 1.56 -12.79
C SER A 62 16.40 2.56 -13.33
N SER A 63 16.06 2.41 -14.60
CA SER A 63 15.10 3.32 -15.23
C SER A 63 13.74 2.64 -15.40
N GLY A 64 13.71 1.59 -16.22
CA GLY A 64 12.47 0.86 -16.45
C GLY A 64 11.62 1.51 -17.52
N GLY A 1 -14.61 -6.95 16.31
CA GLY A 1 -15.84 -6.28 16.66
C GLY A 1 -16.90 -6.38 15.58
N SER A 2 -16.47 -6.23 14.33
CA SER A 2 -17.40 -6.31 13.20
C SER A 2 -16.67 -6.85 11.96
N SER A 3 -17.22 -7.94 11.40
CA SER A 3 -16.63 -8.56 10.22
C SER A 3 -17.23 -7.96 8.94
N GLY A 4 -16.59 -8.24 7.81
CA GLY A 4 -17.07 -7.73 6.54
C GLY A 4 -17.48 -6.27 6.62
N SER A 5 -16.50 -5.40 6.85
CA SER A 5 -16.76 -3.97 6.95
C SER A 5 -17.14 -3.39 5.60
N SER A 6 -18.44 -3.40 5.30
CA SER A 6 -18.94 -2.87 4.03
C SER A 6 -18.69 -1.38 3.93
N GLY A 7 -18.68 -0.86 2.70
CA GLY A 7 -18.45 0.55 2.49
C GLY A 7 -17.12 1.02 3.06
N SER A 8 -17.19 1.84 4.11
CA SER A 8 -15.99 2.36 4.74
C SER A 8 -14.95 1.26 4.93
N SER A 9 -13.77 1.48 4.37
CA SER A 9 -12.68 0.51 4.47
C SER A 9 -11.45 1.13 5.12
N LYS A 10 -11.36 1.00 6.44
CA LYS A 10 -10.23 1.54 7.18
C LYS A 10 -9.33 0.43 7.70
N GLU A 11 -9.94 -0.63 8.21
CA GLU A 11 -9.19 -1.77 8.73
C GLU A 11 -8.04 -2.14 7.79
N LEU A 12 -8.39 -2.39 6.53
CA LEU A 12 -7.38 -2.77 5.54
C LEU A 12 -6.30 -1.70 5.42
N LEU A 13 -6.72 -0.44 5.46
CA LEU A 13 -5.77 0.67 5.36
C LEU A 13 -4.78 0.64 6.51
N MET A 14 -5.26 0.35 7.71
CA MET A 14 -4.40 0.29 8.89
C MET A 14 -3.55 -0.99 8.87
N LYS A 15 -4.04 -2.00 8.16
CA LYS A 15 -3.33 -3.27 8.06
C LYS A 15 -2.12 -3.15 7.14
N LEU A 16 -2.38 -2.76 5.89
CA LEU A 16 -1.31 -2.60 4.91
C LEU A 16 -0.22 -1.67 5.43
N ARG A 17 -0.59 -0.81 6.37
CA ARG A 17 0.36 0.13 6.96
C ARG A 17 1.49 -0.61 7.69
N ARG A 18 1.11 -1.54 8.55
CA ARG A 18 2.08 -2.32 9.32
C ARG A 18 2.70 -3.42 8.46
N LYS A 19 2.40 -3.39 7.16
CA LYS A 19 2.92 -4.36 6.23
C LYS A 19 4.05 -3.76 5.38
N THR A 20 3.79 -2.60 4.80
CA THR A 20 4.77 -1.93 3.97
C THR A 20 5.38 -0.73 4.70
N GLY A 21 4.56 -0.05 5.50
CA GLY A 21 5.03 1.10 6.24
C GLY A 21 4.57 2.41 5.63
N TYR A 22 4.37 2.42 4.32
CA TYR A 22 3.92 3.62 3.62
C TYR A 22 2.84 4.35 4.42
N SER A 23 2.81 5.67 4.29
CA SER A 23 1.83 6.49 5.00
C SER A 23 0.41 6.11 4.57
N PHE A 24 -0.53 6.31 5.48
CA PHE A 24 -1.94 5.99 5.21
C PHE A 24 -2.30 6.36 3.77
N VAL A 25 -2.18 7.64 3.45
CA VAL A 25 -2.50 8.13 2.12
C VAL A 25 -2.09 7.12 1.05
N ASN A 26 -0.83 6.72 1.08
CA ASN A 26 -0.30 5.76 0.12
C ASN A 26 -1.15 4.49 0.10
N CYS A 27 -1.13 3.76 1.21
CA CYS A 27 -1.89 2.53 1.33
C CYS A 27 -3.29 2.70 0.74
N LYS A 28 -3.93 3.81 1.05
CA LYS A 28 -5.27 4.10 0.56
C LYS A 28 -5.33 3.98 -0.96
N LYS A 29 -4.25 4.40 -1.63
CA LYS A 29 -4.17 4.33 -3.08
C LYS A 29 -3.97 2.90 -3.55
N ALA A 30 -2.78 2.36 -3.31
CA ALA A 30 -2.47 1.00 -3.71
C ALA A 30 -3.64 0.06 -3.45
N LEU A 31 -4.29 0.24 -2.30
CA LEU A 31 -5.44 -0.58 -1.93
C LEU A 31 -6.59 -0.40 -2.91
N GLU A 32 -6.76 0.84 -3.37
CA GLU A 32 -7.82 1.15 -4.32
C GLU A 32 -7.50 0.61 -5.71
N THR A 33 -6.29 0.88 -6.17
CA THR A 33 -5.85 0.42 -7.49
C THR A 33 -5.77 -1.11 -7.54
N CYS A 34 -5.39 -1.71 -6.41
CA CYS A 34 -5.26 -3.16 -6.32
C CYS A 34 -6.62 -3.80 -6.09
N GLY A 35 -7.34 -3.33 -5.08
CA GLY A 35 -8.64 -3.87 -4.76
C GLY A 35 -8.68 -4.55 -3.41
N GLY A 36 -8.34 -3.80 -2.37
CA GLY A 36 -8.34 -4.36 -1.03
C GLY A 36 -7.55 -5.64 -0.94
N ASP A 37 -6.40 -5.67 -1.59
CA ASP A 37 -5.53 -6.86 -1.58
C ASP A 37 -4.17 -6.53 -0.97
N LEU A 38 -4.13 -6.44 0.36
CA LEU A 38 -2.89 -6.14 1.06
C LEU A 38 -1.70 -6.76 0.35
N LYS A 39 -1.83 -8.04 -0.01
CA LYS A 39 -0.75 -8.75 -0.70
C LYS A 39 -0.31 -7.98 -1.94
N GLN A 40 -1.23 -7.77 -2.87
CA GLN A 40 -0.93 -7.05 -4.09
C GLN A 40 -0.44 -5.64 -3.80
N ALA A 41 -1.19 -4.93 -2.94
CA ALA A 41 -0.84 -3.57 -2.58
C ALA A 41 0.67 -3.38 -2.53
N GLU A 42 1.35 -4.29 -1.85
CA GLU A 42 2.81 -4.23 -1.73
C GLU A 42 3.47 -4.24 -3.11
N ILE A 43 3.11 -5.21 -3.92
CA ILE A 43 3.67 -5.33 -5.26
C ILE A 43 3.48 -4.05 -6.05
N TRP A 44 2.32 -3.43 -5.90
CA TRP A 44 2.02 -2.19 -6.60
C TRP A 44 2.86 -1.04 -6.05
N LEU A 45 2.77 -0.80 -4.75
CA LEU A 45 3.53 0.27 -4.10
C LEU A 45 5.00 0.21 -4.51
N HIS A 46 5.64 -0.92 -4.24
CA HIS A 46 7.05 -1.10 -4.58
C HIS A 46 7.29 -0.81 -6.06
N LYS A 47 6.50 -1.44 -6.92
CA LYS A 47 6.63 -1.26 -8.36
C LYS A 47 6.63 0.24 -8.71
N GLU A 48 5.78 1.00 -8.04
CA GLU A 48 5.68 2.43 -8.27
C GLU A 48 6.90 3.17 -7.73
N ALA A 49 7.37 2.73 -6.57
CA ALA A 49 8.53 3.33 -5.93
C ALA A 49 9.77 3.18 -6.80
N GLN A 50 9.87 2.05 -7.48
CA GLN A 50 11.01 1.78 -8.36
C GLN A 50 10.78 2.34 -9.75
N LYS A 51 9.55 2.20 -10.25
CA LYS A 51 9.20 2.70 -11.57
C LYS A 51 9.33 4.22 -11.64
N GLU A 52 8.66 4.90 -10.70
CA GLU A 52 8.70 6.35 -10.66
C GLU A 52 9.97 6.84 -9.97
N GLY A 53 10.21 6.33 -8.76
CA GLY A 53 11.39 6.73 -8.02
C GLY A 53 11.06 7.68 -6.88
N TRP A 54 10.64 7.14 -5.76
CA TRP A 54 10.29 7.95 -4.59
C TRP A 54 11.49 8.13 -3.68
N SER A 55 11.38 9.05 -2.73
CA SER A 55 12.45 9.31 -1.78
C SER A 55 12.37 8.38 -0.58
N LYS A 56 12.80 7.14 -0.77
CA LYS A 56 12.78 6.15 0.29
C LYS A 56 13.99 5.22 0.19
N ALA A 57 14.35 4.61 1.32
CA ALA A 57 15.48 3.69 1.37
C ALA A 57 15.03 2.27 1.65
N ALA A 58 15.82 1.29 1.20
CA ALA A 58 15.49 -0.10 1.41
C ALA A 58 16.28 -0.68 2.59
N SER A 59 15.57 -1.04 3.65
CA SER A 59 16.18 -1.59 4.84
C SER A 59 15.78 -3.04 5.04
N GLY A 60 16.43 -3.94 4.31
CA GLY A 60 16.12 -5.35 4.42
C GLY A 60 16.04 -6.04 3.06
N PRO A 61 17.20 -6.39 2.51
CA PRO A 61 17.28 -7.05 1.20
C PRO A 61 16.76 -8.48 1.25
N SER A 62 17.18 -9.23 2.27
CA SER A 62 16.76 -10.62 2.43
C SER A 62 17.04 -11.11 3.85
N SER A 63 16.06 -11.79 4.44
CA SER A 63 16.22 -12.32 5.79
C SER A 63 17.45 -13.19 5.90
N GLY A 64 18.43 -12.74 6.70
CA GLY A 64 19.65 -13.49 6.87
C GLY A 64 19.76 -14.10 8.26
N GLY A 1 -17.75 -9.92 -6.41
CA GLY A 1 -18.22 -9.60 -5.08
C GLY A 1 -19.72 -9.68 -4.94
N SER A 2 -20.39 -8.53 -4.97
CA SER A 2 -21.84 -8.48 -4.85
C SER A 2 -22.36 -7.06 -5.07
N SER A 3 -23.62 -6.95 -5.44
CA SER A 3 -24.24 -5.65 -5.69
C SER A 3 -24.07 -4.74 -4.48
N GLY A 4 -23.21 -3.73 -4.60
CA GLY A 4 -22.98 -2.81 -3.52
C GLY A 4 -21.53 -2.76 -3.09
N SER A 5 -20.82 -1.71 -3.52
CA SER A 5 -19.42 -1.55 -3.19
C SER A 5 -19.19 -1.64 -1.69
N SER A 6 -17.92 -1.70 -1.28
CA SER A 6 -17.58 -1.78 0.14
C SER A 6 -17.44 -0.39 0.76
N GLY A 7 -16.81 0.52 0.02
CA GLY A 7 -16.62 1.86 0.52
C GLY A 7 -15.23 2.09 1.08
N SER A 8 -15.01 3.28 1.63
CA SER A 8 -13.70 3.61 2.20
C SER A 8 -13.10 2.42 2.92
N SER A 9 -11.80 2.22 2.73
CA SER A 9 -11.09 1.11 3.35
C SER A 9 -10.35 1.56 4.60
N LYS A 10 -11.01 1.44 5.75
CA LYS A 10 -10.42 1.84 7.02
C LYS A 10 -9.61 0.70 7.63
N GLU A 11 -10.31 -0.35 8.06
CA GLU A 11 -9.65 -1.50 8.66
C GLU A 11 -8.49 -1.97 7.80
N LEU A 12 -8.77 -2.24 6.52
CA LEU A 12 -7.75 -2.69 5.59
C LEU A 12 -6.59 -1.70 5.51
N LEU A 13 -6.93 -0.43 5.42
CA LEU A 13 -5.92 0.63 5.33
C LEU A 13 -4.94 0.52 6.50
N MET A 14 -5.43 0.07 7.65
CA MET A 14 -4.59 -0.07 8.83
C MET A 14 -3.84 -1.40 8.81
N LYS A 15 -4.34 -2.34 8.01
CA LYS A 15 -3.72 -3.66 7.89
C LYS A 15 -2.49 -3.60 6.99
N LEU A 16 -2.60 -2.85 5.90
CA LEU A 16 -1.49 -2.71 4.96
C LEU A 16 -0.39 -1.83 5.54
N ARG A 17 -0.79 -0.81 6.29
CA ARG A 17 0.17 0.10 6.91
C ARG A 17 1.13 -0.65 7.82
N ARG A 18 0.59 -1.56 8.62
CA ARG A 18 1.41 -2.34 9.55
C ARG A 18 2.11 -3.47 8.82
N LYS A 19 1.99 -3.48 7.49
CA LYS A 19 2.63 -4.51 6.67
C LYS A 19 3.80 -3.93 5.88
N THR A 20 3.61 -2.73 5.34
CA THR A 20 4.63 -2.06 4.56
C THR A 20 5.21 -0.87 5.31
N GLY A 21 4.33 -0.05 5.87
CA GLY A 21 4.77 1.12 6.61
C GLY A 21 4.47 2.41 5.87
N TYR A 22 4.53 2.38 4.55
CA TYR A 22 4.26 3.55 3.74
C TYR A 22 3.13 4.39 4.34
N SER A 23 3.23 5.70 4.17
CA SER A 23 2.21 6.61 4.70
C SER A 23 0.81 6.06 4.48
N PHE A 24 -0.08 6.33 5.42
CA PHE A 24 -1.46 5.86 5.32
C PHE A 24 -2.07 6.22 3.97
N VAL A 25 -1.89 7.47 3.56
CA VAL A 25 -2.42 7.94 2.29
C VAL A 25 -1.90 7.09 1.13
N ASN A 26 -0.60 6.85 1.12
CA ASN A 26 0.02 6.04 0.07
C ASN A 26 -0.58 4.64 0.03
N CYS A 27 -0.74 4.04 1.20
CA CYS A 27 -1.30 2.70 1.31
C CYS A 27 -2.69 2.64 0.69
N LYS A 28 -3.55 3.57 1.09
CA LYS A 28 -4.92 3.62 0.59
C LYS A 28 -4.93 3.54 -0.94
N LYS A 29 -4.05 4.32 -1.57
CA LYS A 29 -3.97 4.33 -3.03
C LYS A 29 -3.64 2.94 -3.56
N ALA A 30 -2.75 2.24 -2.88
CA ALA A 30 -2.34 0.90 -3.28
C ALA A 30 -3.51 -0.09 -3.14
N LEU A 31 -4.22 0.00 -2.03
CA LEU A 31 -5.36 -0.88 -1.77
C LEU A 31 -6.45 -0.66 -2.81
N GLU A 32 -6.70 0.60 -3.15
CA GLU A 32 -7.72 0.95 -4.13
C GLU A 32 -7.31 0.49 -5.52
N THR A 33 -6.06 0.75 -5.88
CA THR A 33 -5.55 0.37 -7.20
C THR A 33 -5.41 -1.14 -7.31
N CYS A 34 -5.21 -1.80 -6.17
CA CYS A 34 -5.07 -3.25 -6.15
C CYS A 34 -6.40 -3.94 -5.84
N GLY A 35 -7.31 -3.20 -5.22
CA GLY A 35 -8.61 -3.75 -4.88
C GLY A 35 -8.60 -4.44 -3.53
N GLY A 36 -8.45 -3.66 -2.47
CA GLY A 36 -8.44 -4.24 -1.14
C GLY A 36 -7.54 -5.44 -1.02
N ASP A 37 -6.43 -5.43 -1.77
CA ASP A 37 -5.49 -6.53 -1.76
C ASP A 37 -4.26 -6.20 -0.90
N LEU A 38 -4.02 -7.00 0.13
CA LEU A 38 -2.89 -6.80 1.02
C LEU A 38 -1.58 -7.19 0.34
N LYS A 39 -1.60 -8.33 -0.35
CA LYS A 39 -0.41 -8.82 -1.04
C LYS A 39 -0.07 -7.92 -2.22
N GLN A 40 -1.03 -7.74 -3.12
CA GLN A 40 -0.82 -6.90 -4.30
C GLN A 40 -0.55 -5.46 -3.90
N ALA A 41 -1.16 -5.03 -2.80
CA ALA A 41 -0.97 -3.66 -2.30
C ALA A 41 0.50 -3.29 -2.25
N GLU A 42 1.29 -4.11 -1.56
CA GLU A 42 2.72 -3.87 -1.43
C GLU A 42 3.41 -3.91 -2.80
N ILE A 43 3.22 -5.01 -3.51
CA ILE A 43 3.82 -5.17 -4.84
C ILE A 43 3.63 -3.92 -5.68
N TRP A 44 2.46 -3.29 -5.54
CA TRP A 44 2.14 -2.08 -6.29
C TRP A 44 3.04 -0.92 -5.86
N LEU A 45 2.95 -0.56 -4.58
CA LEU A 45 3.75 0.53 -4.03
C LEU A 45 5.19 0.46 -4.54
N HIS A 46 5.84 -0.67 -4.29
CA HIS A 46 7.23 -0.86 -4.73
C HIS A 46 7.35 -0.65 -6.23
N LYS A 47 6.50 -1.31 -7.00
CA LYS A 47 6.53 -1.19 -8.45
C LYS A 47 6.51 0.28 -8.87
N GLU A 48 5.66 1.06 -8.22
CA GLU A 48 5.54 2.48 -8.53
C GLU A 48 6.74 3.26 -8.00
N ALA A 49 7.30 2.78 -6.88
CA ALA A 49 8.46 3.43 -6.28
C ALA A 49 9.71 3.21 -7.12
N GLN A 50 9.69 2.15 -7.93
CA GLN A 50 10.84 1.83 -8.78
C GLN A 50 10.60 2.31 -10.21
N LYS A 51 9.35 2.27 -10.64
CA LYS A 51 9.00 2.71 -11.98
C LYS A 51 9.08 4.23 -12.11
N GLU A 52 8.43 4.94 -11.20
CA GLU A 52 8.43 6.39 -11.20
C GLU A 52 9.72 6.93 -10.56
N GLY A 53 9.97 6.53 -9.32
CA GLY A 53 11.16 6.98 -8.63
C GLY A 53 10.83 7.90 -7.45
N TRP A 54 10.47 7.30 -6.33
CA TRP A 54 10.14 8.06 -5.13
C TRP A 54 11.35 8.21 -4.22
N SER A 55 11.97 7.09 -3.88
CA SER A 55 13.15 7.11 -3.01
C SER A 55 14.43 7.15 -3.84
N LYS A 56 14.51 6.29 -4.84
CA LYS A 56 15.68 6.23 -5.71
C LYS A 56 15.31 5.69 -7.08
N ALA A 57 15.77 6.38 -8.13
CA ALA A 57 15.49 5.97 -9.50
C ALA A 57 15.61 4.45 -9.66
N ALA A 58 16.70 3.90 -9.14
CA ALA A 58 16.92 2.46 -9.21
C ALA A 58 16.95 1.83 -7.83
N SER A 59 16.21 0.74 -7.66
CA SER A 59 16.15 0.05 -6.38
C SER A 59 15.49 -1.32 -6.53
N GLY A 60 15.73 -2.20 -5.56
CA GLY A 60 15.16 -3.53 -5.61
C GLY A 60 15.19 -4.12 -7.00
N PRO A 61 16.39 -4.46 -7.50
CA PRO A 61 16.57 -5.04 -8.83
C PRO A 61 16.03 -6.45 -8.92
N SER A 62 16.19 -7.22 -7.84
CA SER A 62 15.72 -8.60 -7.81
C SER A 62 14.20 -8.66 -7.95
N SER A 63 13.72 -9.61 -8.74
CA SER A 63 12.28 -9.77 -8.96
C SER A 63 11.55 -9.95 -7.64
N GLY A 64 12.07 -10.82 -6.77
CA GLY A 64 11.46 -11.06 -5.49
C GLY A 64 12.47 -11.16 -4.37
N GLY A 1 -23.74 -16.76 0.88
CA GLY A 1 -23.33 -15.50 0.26
C GLY A 1 -22.10 -14.91 0.92
N SER A 2 -21.11 -14.55 0.11
CA SER A 2 -19.87 -13.97 0.62
C SER A 2 -19.98 -12.45 0.68
N SER A 3 -20.33 -11.94 1.86
CA SER A 3 -20.47 -10.51 2.06
C SER A 3 -19.17 -9.78 1.73
N GLY A 4 -19.25 -8.77 0.87
CA GLY A 4 -18.08 -8.01 0.49
C GLY A 4 -17.86 -6.79 1.36
N SER A 5 -17.37 -5.71 0.76
CA SER A 5 -17.12 -4.47 1.48
C SER A 5 -17.32 -3.26 0.59
N SER A 6 -18.29 -2.41 0.94
CA SER A 6 -18.58 -1.22 0.16
C SER A 6 -18.53 0.03 1.04
N GLY A 7 -17.32 0.51 1.30
CA GLY A 7 -17.15 1.69 2.12
C GLY A 7 -15.70 1.94 2.50
N SER A 8 -15.47 2.94 3.33
CA SER A 8 -14.12 3.27 3.77
C SER A 8 -13.39 2.04 4.30
N SER A 9 -12.44 1.54 3.53
CA SER A 9 -11.67 0.36 3.91
C SER A 9 -10.55 0.73 4.89
N LYS A 10 -10.90 1.50 5.92
CA LYS A 10 -9.93 1.92 6.92
C LYS A 10 -9.25 0.71 7.56
N GLU A 11 -10.07 -0.22 8.06
CA GLU A 11 -9.54 -1.41 8.70
C GLU A 11 -8.39 -2.01 7.89
N LEU A 12 -8.68 -2.36 6.64
CA LEU A 12 -7.68 -2.94 5.75
C LEU A 12 -6.45 -2.05 5.66
N LEU A 13 -6.68 -0.75 5.55
CA LEU A 13 -5.59 0.22 5.45
C LEU A 13 -4.71 0.16 6.69
N MET A 14 -5.33 0.13 7.86
CA MET A 14 -4.60 0.08 9.11
C MET A 14 -3.67 -1.13 9.16
N LYS A 15 -4.18 -2.27 8.69
CA LYS A 15 -3.40 -3.50 8.66
C LYS A 15 -2.27 -3.41 7.64
N LEU A 16 -2.57 -2.85 6.48
CA LEU A 16 -1.58 -2.69 5.42
C LEU A 16 -0.48 -1.73 5.84
N ARG A 17 -0.85 -0.70 6.58
CA ARG A 17 0.11 0.30 7.05
C ARG A 17 1.41 -0.37 7.50
N ARG A 18 1.29 -1.40 8.34
CA ARG A 18 2.45 -2.12 8.84
C ARG A 18 2.95 -3.13 7.80
N LYS A 19 2.02 -3.76 7.09
CA LYS A 19 2.36 -4.74 6.07
C LYS A 19 3.41 -4.18 5.11
N THR A 20 3.26 -2.91 4.76
CA THR A 20 4.20 -2.26 3.85
C THR A 20 5.04 -1.22 4.59
N GLY A 21 4.39 -0.39 5.39
CA GLY A 21 5.09 0.63 6.14
C GLY A 21 5.24 1.92 5.35
N TYR A 22 4.25 2.22 4.52
CA TYR A 22 4.26 3.43 3.71
C TYR A 22 3.29 4.47 4.25
N SER A 23 3.25 5.62 3.61
CA SER A 23 2.36 6.70 4.03
C SER A 23 0.90 6.24 4.02
N PHE A 24 0.14 6.71 5.01
CA PHE A 24 -1.26 6.35 5.13
C PHE A 24 -1.98 6.50 3.80
N VAL A 25 -1.94 7.71 3.25
CA VAL A 25 -2.58 7.99 1.97
C VAL A 25 -2.11 7.04 0.89
N ASN A 26 -0.80 6.80 0.83
CA ASN A 26 -0.22 5.90 -0.15
C ASN A 26 -0.90 4.53 -0.11
N CYS A 27 -0.94 3.93 1.07
CA CYS A 27 -1.57 2.63 1.24
C CYS A 27 -2.97 2.61 0.65
N LYS A 28 -3.74 3.67 0.92
CA LYS A 28 -5.09 3.77 0.41
C LYS A 28 -5.13 3.61 -1.11
N LYS A 29 -4.40 4.48 -1.81
CA LYS A 29 -4.33 4.44 -3.25
C LYS A 29 -4.05 3.01 -3.74
N ALA A 30 -3.06 2.37 -3.13
CA ALA A 30 -2.70 1.01 -3.49
C ALA A 30 -3.86 0.04 -3.26
N LEU A 31 -4.54 0.21 -2.14
CA LEU A 31 -5.67 -0.65 -1.80
C LEU A 31 -6.79 -0.51 -2.82
N GLU A 32 -6.85 0.65 -3.46
CA GLU A 32 -7.87 0.91 -4.47
C GLU A 32 -7.46 0.34 -5.83
N THR A 33 -6.25 0.67 -6.25
CA THR A 33 -5.72 0.19 -7.53
C THR A 33 -5.66 -1.33 -7.56
N CYS A 34 -5.24 -1.92 -6.45
CA CYS A 34 -5.13 -3.37 -6.35
C CYS A 34 -6.51 -4.01 -6.21
N GLY A 35 -7.21 -3.67 -5.14
CA GLY A 35 -8.53 -4.22 -4.92
C GLY A 35 -8.68 -4.83 -3.53
N GLY A 36 -8.27 -4.07 -2.51
CA GLY A 36 -8.36 -4.54 -1.15
C GLY A 36 -7.57 -5.82 -0.92
N ASP A 37 -6.39 -5.89 -1.51
CA ASP A 37 -5.53 -7.06 -1.38
C ASP A 37 -4.20 -6.69 -0.73
N LEU A 38 -4.18 -6.64 0.59
CA LEU A 38 -2.96 -6.29 1.32
C LEU A 38 -1.73 -6.85 0.62
N LYS A 39 -1.84 -8.08 0.14
CA LYS A 39 -0.73 -8.73 -0.56
C LYS A 39 -0.31 -7.91 -1.78
N GLN A 40 -1.23 -7.74 -2.72
CA GLN A 40 -0.96 -6.98 -3.94
C GLN A 40 -0.58 -5.55 -3.60
N ALA A 41 -1.38 -4.90 -2.77
CA ALA A 41 -1.12 -3.52 -2.37
C ALA A 41 0.37 -3.25 -2.27
N GLU A 42 1.08 -4.12 -1.56
CA GLU A 42 2.52 -3.96 -1.38
C GLU A 42 3.23 -3.92 -2.74
N ILE A 43 3.05 -4.97 -3.53
CA ILE A 43 3.66 -5.05 -4.85
C ILE A 43 3.51 -3.74 -5.61
N TRP A 44 2.30 -3.20 -5.60
CA TRP A 44 2.02 -1.94 -6.30
C TRP A 44 2.97 -0.85 -5.83
N LEU A 45 2.84 -0.45 -4.58
CA LEU A 45 3.69 0.59 -4.01
C LEU A 45 5.14 0.39 -4.41
N HIS A 46 5.59 -0.86 -4.38
CA HIS A 46 6.97 -1.19 -4.74
C HIS A 46 7.21 -0.95 -6.23
N LYS A 47 6.23 -1.31 -7.05
CA LYS A 47 6.34 -1.13 -8.50
C LYS A 47 6.49 0.35 -8.85
N GLU A 48 5.60 1.18 -8.31
CA GLU A 48 5.63 2.61 -8.57
C GLU A 48 6.94 3.22 -8.05
N ALA A 49 7.38 2.76 -6.89
CA ALA A 49 8.61 3.26 -6.29
C ALA A 49 9.81 2.96 -7.19
N GLN A 50 9.75 1.85 -7.89
CA GLN A 50 10.84 1.44 -8.78
C GLN A 50 10.89 2.34 -10.02
N LYS A 51 9.72 2.72 -10.52
CA LYS A 51 9.62 3.57 -11.70
C LYS A 51 9.71 5.05 -11.31
N GLU A 52 8.72 5.51 -10.56
CA GLU A 52 8.69 6.90 -10.12
C GLU A 52 10.05 7.33 -9.55
N GLY A 53 10.44 6.68 -8.46
CA GLY A 53 11.72 7.00 -7.83
C GLY A 53 11.54 7.74 -6.52
N TRP A 54 10.71 7.20 -5.64
CA TRP A 54 10.46 7.81 -4.34
C TRP A 54 11.72 7.80 -3.47
N SER A 55 12.21 6.61 -3.18
CA SER A 55 13.41 6.46 -2.36
C SER A 55 14.64 6.20 -3.23
N LYS A 56 15.79 6.66 -2.77
CA LYS A 56 17.04 6.48 -3.51
C LYS A 56 17.65 5.12 -3.20
N ALA A 57 17.66 4.76 -1.92
CA ALA A 57 18.23 3.48 -1.49
C ALA A 57 17.12 2.48 -1.16
N ALA A 58 17.09 1.38 -1.88
CA ALA A 58 16.08 0.35 -1.66
C ALA A 58 16.73 -0.97 -1.25
N SER A 59 16.58 -1.33 0.02
CA SER A 59 17.15 -2.56 0.54
C SER A 59 16.20 -3.73 0.34
N GLY A 60 16.69 -4.94 0.61
CA GLY A 60 15.87 -6.13 0.45
C GLY A 60 15.85 -6.62 -0.99
N PRO A 61 15.77 -7.95 -1.16
CA PRO A 61 15.74 -8.57 -2.49
C PRO A 61 14.43 -8.29 -3.23
N SER A 62 14.52 -7.50 -4.30
CA SER A 62 13.35 -7.16 -5.08
C SER A 62 12.40 -8.35 -5.20
N SER A 63 11.10 -8.08 -5.13
CA SER A 63 10.09 -9.13 -5.22
C SER A 63 8.75 -8.55 -5.69
N GLY A 64 8.00 -9.36 -6.44
CA GLY A 64 6.71 -8.92 -6.94
C GLY A 64 5.89 -10.06 -7.49
N GLY A 1 -16.75 -11.25 4.64
CA GLY A 1 -17.44 -11.34 5.93
C GLY A 1 -16.60 -10.80 7.07
N SER A 2 -15.94 -9.67 6.83
CA SER A 2 -15.10 -9.05 7.85
C SER A 2 -15.93 -8.14 8.76
N SER A 3 -15.77 -8.31 10.07
CA SER A 3 -16.50 -7.52 11.05
C SER A 3 -15.61 -6.45 11.66
N GLY A 4 -15.46 -5.33 10.97
CA GLY A 4 -14.63 -4.25 11.46
C GLY A 4 -15.20 -2.88 11.15
N SER A 5 -15.36 -2.59 9.86
CA SER A 5 -15.90 -1.30 9.44
C SER A 5 -16.88 -1.48 8.27
N SER A 6 -18.04 -0.83 8.39
CA SER A 6 -19.06 -0.92 7.34
C SER A 6 -18.73 0.01 6.17
N GLY A 7 -18.57 1.29 6.47
CA GLY A 7 -18.26 2.26 5.44
C GLY A 7 -16.94 1.98 4.76
N SER A 8 -16.10 3.00 4.67
CA SER A 8 -14.79 2.86 4.03
C SER A 8 -13.98 1.75 4.70
N SER A 9 -13.11 1.11 3.92
CA SER A 9 -12.28 0.03 4.44
C SER A 9 -11.01 0.58 5.09
N LYS A 10 -11.16 1.08 6.32
CA LYS A 10 -10.04 1.64 7.05
C LYS A 10 -9.16 0.53 7.63
N GLU A 11 -9.80 -0.49 8.19
CA GLU A 11 -9.09 -1.61 8.78
C GLU A 11 -7.95 -2.08 7.86
N LEU A 12 -8.33 -2.61 6.70
CA LEU A 12 -7.36 -3.09 5.73
C LEU A 12 -6.22 -2.10 5.55
N LEU A 13 -6.56 -0.81 5.50
CA LEU A 13 -5.58 0.24 5.33
C LEU A 13 -4.67 0.34 6.56
N MET A 14 -5.26 0.16 7.74
CA MET A 14 -4.50 0.23 8.99
C MET A 14 -3.56 -0.97 9.11
N LYS A 15 -4.00 -2.11 8.61
CA LYS A 15 -3.19 -3.33 8.67
C LYS A 15 -2.04 -3.27 7.67
N LEU A 16 -2.31 -2.74 6.49
CA LEU A 16 -1.30 -2.62 5.45
C LEU A 16 -0.26 -1.56 5.82
N ARG A 17 -0.74 -0.41 6.27
CA ARG A 17 0.15 0.69 6.66
C ARG A 17 1.36 0.16 7.42
N ARG A 18 1.10 -0.70 8.40
CA ARG A 18 2.18 -1.28 9.21
C ARG A 18 2.86 -2.42 8.45
N LYS A 19 2.09 -3.13 7.63
CA LYS A 19 2.63 -4.25 6.86
C LYS A 19 3.78 -3.79 5.96
N THR A 20 3.63 -2.61 5.38
CA THR A 20 4.65 -2.06 4.49
C THR A 20 5.31 -0.84 5.13
N GLY A 21 4.50 0.06 5.66
CA GLY A 21 5.04 1.26 6.28
C GLY A 21 4.62 2.53 5.56
N TYR A 22 4.50 2.43 4.23
CA TYR A 22 4.12 3.58 3.42
C TYR A 22 3.00 4.38 4.09
N SER A 23 3.11 5.70 4.00
CA SER A 23 2.11 6.58 4.61
C SER A 23 0.70 6.06 4.35
N PHE A 24 -0.22 6.36 5.28
CA PHE A 24 -1.60 5.92 5.16
C PHE A 24 -2.15 6.25 3.78
N VAL A 25 -2.05 7.53 3.39
CA VAL A 25 -2.54 7.97 2.11
C VAL A 25 -2.04 7.08 0.98
N ASN A 26 -0.75 6.75 1.02
CA ASN A 26 -0.14 5.90 0.01
C ASN A 26 -0.82 4.54 -0.04
N CYS A 27 -0.83 3.85 1.09
CA CYS A 27 -1.44 2.53 1.18
C CYS A 27 -2.84 2.54 0.56
N LYS A 28 -3.67 3.50 0.99
CA LYS A 28 -5.02 3.61 0.47
C LYS A 28 -5.03 3.54 -1.05
N LYS A 29 -4.12 4.25 -1.68
CA LYS A 29 -4.03 4.27 -3.13
C LYS A 29 -3.75 2.86 -3.68
N ALA A 30 -2.82 2.17 -3.04
CA ALA A 30 -2.46 0.82 -3.45
C ALA A 30 -3.63 -0.14 -3.30
N LEU A 31 -4.32 -0.05 -2.17
CA LEU A 31 -5.48 -0.90 -1.90
C LEU A 31 -6.56 -0.70 -2.94
N GLU A 32 -6.73 0.55 -3.39
CA GLU A 32 -7.73 0.88 -4.39
C GLU A 32 -7.32 0.36 -5.77
N THR A 33 -6.08 0.63 -6.14
CA THR A 33 -5.56 0.17 -7.43
C THR A 33 -5.49 -1.35 -7.50
N CYS A 34 -5.40 -1.98 -6.34
CA CYS A 34 -5.32 -3.44 -6.27
C CYS A 34 -6.67 -4.03 -5.88
N GLY A 35 -7.53 -3.20 -5.29
CA GLY A 35 -8.84 -3.66 -4.87
C GLY A 35 -8.80 -4.37 -3.53
N GLY A 36 -8.66 -3.61 -2.46
CA GLY A 36 -8.61 -4.19 -1.13
C GLY A 36 -7.74 -5.44 -1.08
N ASP A 37 -6.67 -5.44 -1.87
CA ASP A 37 -5.75 -6.56 -1.91
C ASP A 37 -4.49 -6.27 -1.10
N LEU A 38 -4.35 -6.94 0.05
CA LEU A 38 -3.20 -6.75 0.90
C LEU A 38 -1.91 -7.16 0.20
N LYS A 39 -1.90 -8.38 -0.33
CA LYS A 39 -0.74 -8.90 -1.03
C LYS A 39 -0.39 -8.01 -2.22
N GLN A 40 -1.30 -7.91 -3.18
CA GLN A 40 -1.08 -7.10 -4.37
C GLN A 40 -0.76 -5.65 -3.98
N ALA A 41 -1.46 -5.15 -2.96
CA ALA A 41 -1.26 -3.78 -2.50
C ALA A 41 0.23 -3.43 -2.46
N GLU A 42 1.01 -4.27 -1.79
CA GLU A 42 2.44 -4.05 -1.68
C GLU A 42 3.11 -4.09 -3.05
N ILE A 43 2.90 -5.20 -3.77
CA ILE A 43 3.48 -5.37 -5.09
C ILE A 43 3.31 -4.11 -5.93
N TRP A 44 2.16 -3.47 -5.82
CA TRP A 44 1.87 -2.24 -6.57
C TRP A 44 2.81 -1.12 -6.14
N LEU A 45 2.73 -0.74 -4.87
CA LEU A 45 3.57 0.33 -4.33
C LEU A 45 5.01 0.17 -4.79
N HIS A 46 5.61 -0.96 -4.44
CA HIS A 46 7.00 -1.24 -4.82
C HIS A 46 7.21 -1.00 -6.31
N LYS A 47 6.29 -1.51 -7.12
CA LYS A 47 6.38 -1.35 -8.57
C LYS A 47 6.43 0.13 -8.95
N GLU A 48 5.50 0.91 -8.40
CA GLU A 48 5.45 2.34 -8.69
C GLU A 48 6.71 3.04 -8.21
N ALA A 49 7.16 2.68 -7.01
CA ALA A 49 8.36 3.27 -6.43
C ALA A 49 9.57 3.08 -7.35
N GLN A 50 9.74 1.85 -7.83
CA GLN A 50 10.85 1.53 -8.71
C GLN A 50 10.90 2.49 -9.89
N LYS A 51 9.74 2.78 -10.47
CA LYS A 51 9.65 3.69 -11.61
C LYS A 51 9.78 5.14 -11.16
N GLU A 52 8.82 5.60 -10.36
CA GLU A 52 8.83 6.96 -9.86
C GLU A 52 10.15 7.28 -9.17
N GLY A 53 10.44 6.57 -8.09
CA GLY A 53 11.67 6.78 -7.35
C GLY A 53 11.44 7.50 -6.04
N TRP A 54 10.43 7.06 -5.29
CA TRP A 54 10.11 7.67 -4.01
C TRP A 54 11.29 7.58 -3.06
N SER A 55 11.72 6.36 -2.75
CA SER A 55 12.84 6.14 -1.84
C SER A 55 14.11 6.82 -2.37
N LYS A 56 14.46 6.50 -3.61
CA LYS A 56 15.64 7.06 -4.24
C LYS A 56 15.40 7.36 -5.71
N ALA A 57 16.07 8.37 -6.23
CA ALA A 57 15.93 8.75 -7.64
C ALA A 57 17.18 8.41 -8.43
N ALA A 58 17.02 8.21 -9.73
CA ALA A 58 18.14 7.88 -10.60
C ALA A 58 17.80 8.17 -12.07
N SER A 59 18.81 8.07 -12.93
CA SER A 59 18.63 8.33 -14.35
C SER A 59 18.23 7.06 -15.10
N GLY A 60 16.96 6.98 -15.48
CA GLY A 60 16.48 5.81 -16.19
C GLY A 60 15.43 6.15 -17.23
N PRO A 61 15.43 5.41 -18.35
CA PRO A 61 14.47 5.63 -19.43
C PRO A 61 13.05 5.23 -19.04
N SER A 62 12.12 5.36 -19.99
CA SER A 62 10.72 5.02 -19.75
C SER A 62 10.48 3.53 -19.98
N SER A 63 9.44 3.00 -19.34
CA SER A 63 9.10 1.59 -19.48
C SER A 63 7.67 1.34 -19.03
N GLY A 64 7.01 0.37 -19.68
CA GLY A 64 5.63 0.04 -19.34
C GLY A 64 5.43 -1.44 -19.12
N GLY A 1 -22.71 5.12 8.59
CA GLY A 1 -22.89 3.71 8.33
C GLY A 1 -22.04 3.21 7.18
N SER A 2 -20.93 2.56 7.52
CA SER A 2 -20.02 2.04 6.52
C SER A 2 -19.90 0.52 6.62
N SER A 3 -20.85 -0.19 6.03
CA SER A 3 -20.85 -1.65 6.06
C SER A 3 -19.43 -2.20 5.93
N GLY A 4 -18.64 -1.57 5.06
CA GLY A 4 -17.27 -2.01 4.86
C GLY A 4 -16.90 -2.09 3.39
N SER A 5 -17.73 -2.77 2.61
CA SER A 5 -17.49 -2.92 1.18
C SER A 5 -17.68 -1.60 0.45
N SER A 6 -18.77 -0.90 0.76
CA SER A 6 -19.07 0.38 0.14
C SER A 6 -19.12 1.49 1.18
N GLY A 7 -18.28 2.51 0.98
CA GLY A 7 -18.24 3.62 1.91
C GLY A 7 -16.83 4.10 2.17
N SER A 8 -16.04 3.27 2.86
CA SER A 8 -14.66 3.62 3.18
C SER A 8 -13.90 2.40 3.67
N SER A 9 -12.61 2.33 3.33
CA SER A 9 -11.78 1.20 3.72
C SER A 9 -10.65 1.68 4.64
N LYS A 10 -10.88 1.60 5.95
CA LYS A 10 -9.88 2.01 6.92
C LYS A 10 -9.17 0.79 7.51
N GLU A 11 -9.91 -0.08 8.17
CA GLU A 11 -9.34 -1.27 8.77
C GLU A 11 -8.24 -1.86 7.90
N LEU A 12 -8.59 -2.19 6.66
CA LEU A 12 -7.64 -2.76 5.71
C LEU A 12 -6.46 -1.80 5.49
N LEU A 13 -6.76 -0.52 5.39
CA LEU A 13 -5.73 0.50 5.18
C LEU A 13 -4.74 0.50 6.33
N MET A 14 -5.24 0.35 7.55
CA MET A 14 -4.38 0.33 8.74
C MET A 14 -3.44 -0.87 8.71
N LYS A 15 -3.94 -2.00 8.22
CA LYS A 15 -3.15 -3.22 8.14
C LYS A 15 -2.01 -3.06 7.14
N LEU A 16 -2.33 -2.51 5.97
CA LEU A 16 -1.33 -2.29 4.93
C LEU A 16 -0.25 -1.32 5.39
N ARG A 17 -0.66 -0.33 6.17
CA ARG A 17 0.28 0.67 6.69
C ARG A 17 1.42 0.01 7.44
N ARG A 18 1.07 -0.91 8.34
CA ARG A 18 2.07 -1.62 9.14
C ARG A 18 2.74 -2.70 8.32
N LYS A 19 1.97 -3.38 7.48
CA LYS A 19 2.49 -4.45 6.63
C LYS A 19 3.62 -3.93 5.75
N THR A 20 3.42 -2.75 5.16
CA THR A 20 4.41 -2.15 4.29
C THR A 20 5.19 -1.05 5.01
N GLY A 21 4.45 -0.14 5.64
CA GLY A 21 5.10 0.95 6.36
C GLY A 21 4.90 2.29 5.68
N TYR A 22 4.81 2.28 4.35
CA TYR A 22 4.62 3.50 3.59
C TYR A 22 3.58 4.39 4.25
N SER A 23 3.53 5.65 3.80
CA SER A 23 2.57 6.61 4.35
C SER A 23 1.17 6.00 4.43
N PHE A 24 0.25 6.74 5.03
CA PHE A 24 -1.12 6.27 5.18
C PHE A 24 -1.91 6.46 3.88
N VAL A 25 -1.89 7.69 3.36
CA VAL A 25 -2.60 8.00 2.12
C VAL A 25 -2.14 7.08 0.99
N ASN A 26 -0.83 6.89 0.89
CA ASN A 26 -0.27 6.05 -0.16
C ASN A 26 -0.88 4.65 -0.12
N CYS A 27 -0.68 3.94 0.98
CA CYS A 27 -1.22 2.60 1.14
C CYS A 27 -2.64 2.51 0.58
N LYS A 28 -3.49 3.42 1.02
CA LYS A 28 -4.88 3.45 0.56
C LYS A 28 -4.96 3.30 -0.96
N LYS A 29 -4.26 4.20 -1.66
CA LYS A 29 -4.25 4.17 -3.12
C LYS A 29 -3.92 2.77 -3.64
N ALA A 30 -2.99 2.10 -2.96
CA ALA A 30 -2.60 0.75 -3.36
C ALA A 30 -3.74 -0.24 -3.19
N LEU A 31 -4.31 -0.28 -1.99
CA LEU A 31 -5.41 -1.18 -1.69
C LEU A 31 -6.55 -0.98 -2.69
N GLU A 32 -6.92 0.27 -2.93
CA GLU A 32 -7.99 0.59 -3.87
C GLU A 32 -7.65 0.10 -5.27
N THR A 33 -6.62 0.70 -5.87
CA THR A 33 -6.19 0.33 -7.21
C THR A 33 -6.04 -1.19 -7.35
N CYS A 34 -5.47 -1.81 -6.33
CA CYS A 34 -5.27 -3.26 -6.33
C CYS A 34 -6.59 -3.98 -6.18
N GLY A 35 -7.48 -3.43 -5.37
CA GLY A 35 -8.78 -4.04 -5.15
C GLY A 35 -8.87 -4.77 -3.82
N GLY A 36 -8.64 -4.03 -2.74
CA GLY A 36 -8.71 -4.62 -1.41
C GLY A 36 -7.87 -5.89 -1.31
N ASP A 37 -6.62 -5.80 -1.70
CA ASP A 37 -5.72 -6.96 -1.66
C ASP A 37 -4.40 -6.58 -1.00
N LEU A 38 -4.23 -6.99 0.26
CA LEU A 38 -3.01 -6.70 1.00
C LEU A 38 -1.78 -7.24 0.26
N LYS A 39 -1.94 -8.40 -0.35
CA LYS A 39 -0.84 -9.02 -1.10
C LYS A 39 -0.40 -8.13 -2.26
N GLN A 40 -1.34 -7.81 -3.15
CA GLN A 40 -1.05 -6.97 -4.30
C GLN A 40 -0.59 -5.58 -3.85
N ALA A 41 -1.37 -4.96 -2.97
CA ALA A 41 -1.04 -3.64 -2.46
C ALA A 41 0.47 -3.44 -2.36
N GLU A 42 1.14 -4.41 -1.75
CA GLU A 42 2.58 -4.34 -1.59
C GLU A 42 3.29 -4.34 -2.94
N ILE A 43 2.98 -5.33 -3.76
CA ILE A 43 3.58 -5.44 -5.09
C ILE A 43 3.41 -4.14 -5.87
N TRP A 44 2.24 -3.54 -5.76
CA TRP A 44 1.94 -2.30 -6.47
C TRP A 44 2.86 -1.18 -5.99
N LEU A 45 2.76 -0.85 -4.70
CA LEU A 45 3.57 0.21 -4.12
C LEU A 45 5.03 0.07 -4.55
N HIS A 46 5.63 -1.07 -4.25
CA HIS A 46 7.02 -1.33 -4.60
C HIS A 46 7.26 -1.02 -6.08
N LYS A 47 6.40 -1.56 -6.94
CA LYS A 47 6.52 -1.35 -8.37
C LYS A 47 6.56 0.14 -8.71
N GLU A 48 5.46 0.84 -8.44
CA GLU A 48 5.39 2.27 -8.71
C GLU A 48 6.59 3.00 -8.12
N ALA A 49 7.08 2.51 -6.99
CA ALA A 49 8.23 3.11 -6.33
C ALA A 49 9.50 2.92 -7.15
N GLN A 50 9.54 1.85 -7.95
CA GLN A 50 10.69 1.56 -8.78
C GLN A 50 10.76 2.51 -9.97
N LYS A 51 9.58 2.90 -10.48
CA LYS A 51 9.50 3.81 -11.61
C LYS A 51 9.52 5.26 -11.15
N GLU A 52 8.88 5.53 -10.02
CA GLU A 52 8.82 6.88 -9.47
C GLU A 52 9.67 6.99 -8.21
N GLY A 53 10.81 7.64 -8.33
CA GLY A 53 11.70 7.81 -7.18
C GLY A 53 11.01 8.48 -6.01
N TRP A 54 10.26 7.69 -5.25
CA TRP A 54 9.53 8.22 -4.08
C TRP A 54 10.50 8.63 -2.99
N SER A 55 10.45 9.90 -2.60
CA SER A 55 11.33 10.43 -1.56
C SER A 55 10.85 11.80 -1.09
N LYS A 56 11.03 12.07 0.20
CA LYS A 56 10.62 13.35 0.76
C LYS A 56 11.75 13.95 1.62
N ALA A 57 11.53 15.17 2.10
CA ALA A 57 12.52 15.85 2.92
C ALA A 57 13.08 14.92 3.99
N ALA A 58 12.21 14.47 4.89
CA ALA A 58 12.62 13.57 5.96
C ALA A 58 13.60 12.51 5.46
N SER A 59 14.52 12.10 6.32
CA SER A 59 15.52 11.10 5.95
C SER A 59 15.10 9.72 6.43
N GLY A 60 14.87 9.60 7.74
CA GLY A 60 14.47 8.32 8.31
C GLY A 60 15.53 7.74 9.23
N PRO A 61 16.37 6.86 8.68
CA PRO A 61 17.44 6.20 9.43
C PRO A 61 18.56 7.18 9.82
N SER A 62 18.81 7.30 11.11
CA SER A 62 19.85 8.20 11.61
C SER A 62 20.47 7.65 12.89
N SER A 63 21.78 7.39 12.83
CA SER A 63 22.50 6.85 13.98
C SER A 63 22.94 7.98 14.91
N GLY A 64 22.74 7.76 16.21
CA GLY A 64 23.13 8.77 17.19
C GLY A 64 23.59 8.16 18.50
N GLY A 1 -33.12 -5.17 -10.44
CA GLY A 1 -32.03 -4.23 -10.49
C GLY A 1 -30.68 -4.92 -10.51
N SER A 2 -29.67 -4.23 -11.05
CA SER A 2 -28.33 -4.78 -11.12
C SER A 2 -27.72 -4.96 -9.74
N SER A 3 -26.74 -5.85 -9.63
CA SER A 3 -26.08 -6.11 -8.36
C SER A 3 -24.64 -5.63 -8.38
N GLY A 4 -24.10 -5.30 -7.20
CA GLY A 4 -22.75 -4.82 -7.11
C GLY A 4 -22.67 -3.37 -6.67
N SER A 5 -21.79 -3.09 -5.72
CA SER A 5 -21.63 -1.73 -5.22
C SER A 5 -20.19 -1.50 -4.75
N SER A 6 -19.73 -0.26 -4.87
CA SER A 6 -18.37 0.10 -4.45
C SER A 6 -18.20 -0.06 -2.94
N GLY A 7 -16.99 0.18 -2.46
CA GLY A 7 -16.72 0.07 -1.05
C GLY A 7 -15.34 0.57 -0.67
N SER A 8 -15.19 0.99 0.58
CA SER A 8 -13.91 1.51 1.06
C SER A 8 -13.33 0.61 2.14
N SER A 9 -12.00 0.58 2.24
CA SER A 9 -11.32 -0.24 3.22
C SER A 9 -10.50 0.62 4.18
N LYS A 10 -11.02 0.81 5.39
CA LYS A 10 -10.34 1.60 6.40
C LYS A 10 -9.56 0.72 7.36
N GLU A 11 -10.03 -0.52 7.53
CA GLU A 11 -9.36 -1.46 8.43
C GLU A 11 -8.07 -1.98 7.80
N LEU A 12 -8.18 -2.65 6.66
CA LEU A 12 -7.03 -3.20 5.97
C LEU A 12 -5.97 -2.11 5.75
N LEU A 13 -6.42 -0.88 5.57
CA LEU A 13 -5.52 0.24 5.34
C LEU A 13 -4.67 0.51 6.57
N MET A 14 -5.18 0.11 7.73
CA MET A 14 -4.48 0.31 8.99
C MET A 14 -3.37 -0.73 9.17
N LYS A 15 -3.55 -1.89 8.54
CA LYS A 15 -2.58 -2.97 8.63
C LYS A 15 -1.49 -2.80 7.58
N LEU A 16 -1.91 -2.54 6.34
CA LEU A 16 -0.96 -2.36 5.25
C LEU A 16 0.09 -1.32 5.60
N ARG A 17 -0.28 -0.38 6.47
CA ARG A 17 0.64 0.67 6.90
C ARG A 17 1.77 0.10 7.73
N ARG A 18 1.44 -0.81 8.64
CA ARG A 18 2.42 -1.43 9.51
C ARG A 18 3.21 -2.50 8.76
N LYS A 19 2.58 -3.09 7.76
CA LYS A 19 3.22 -4.12 6.95
C LYS A 19 4.26 -3.53 6.01
N THR A 20 3.87 -2.46 5.31
CA THR A 20 4.77 -1.79 4.38
C THR A 20 5.48 -0.63 5.04
N GLY A 21 4.71 0.30 5.61
CA GLY A 21 5.29 1.46 6.26
C GLY A 21 5.04 2.75 5.50
N TYR A 22 4.72 2.63 4.22
CA TYR A 22 4.48 3.79 3.37
C TYR A 22 3.36 4.64 3.96
N SER A 23 3.39 5.94 3.66
CA SER A 23 2.39 6.88 4.16
C SER A 23 1.01 6.22 4.17
N PHE A 24 0.12 6.74 5.01
CA PHE A 24 -1.24 6.22 5.12
C PHE A 24 -1.99 6.37 3.80
N VAL A 25 -1.90 7.56 3.22
CA VAL A 25 -2.58 7.83 1.95
C VAL A 25 -2.10 6.89 0.86
N ASN A 26 -0.79 6.67 0.80
CA ASN A 26 -0.20 5.77 -0.20
C ASN A 26 -0.88 4.41 -0.17
N CYS A 27 -0.86 3.77 1.00
CA CYS A 27 -1.47 2.45 1.16
C CYS A 27 -2.89 2.43 0.59
N LYS A 28 -3.65 3.48 0.91
CA LYS A 28 -5.03 3.58 0.43
C LYS A 28 -5.09 3.44 -1.08
N LYS A 29 -4.40 4.33 -1.78
CA LYS A 29 -4.37 4.30 -3.24
C LYS A 29 -4.04 2.90 -3.75
N ALA A 30 -3.13 2.23 -3.06
CA ALA A 30 -2.73 0.88 -3.45
C ALA A 30 -3.87 -0.11 -3.26
N LEU A 31 -4.59 0.01 -2.15
CA LEU A 31 -5.71 -0.88 -1.86
C LEU A 31 -6.83 -0.68 -2.88
N GLU A 32 -6.98 0.55 -3.35
CA GLU A 32 -8.02 0.87 -4.33
C GLU A 32 -7.62 0.41 -5.73
N THR A 33 -6.43 0.80 -6.15
CA THR A 33 -5.92 0.42 -7.47
C THR A 33 -5.86 -1.10 -7.61
N CYS A 34 -5.40 -1.78 -6.56
CA CYS A 34 -5.30 -3.23 -6.57
C CYS A 34 -6.67 -3.87 -6.47
N GLY A 35 -7.35 -3.66 -5.34
CA GLY A 35 -8.66 -4.23 -5.13
C GLY A 35 -8.80 -4.91 -3.78
N GLY A 36 -8.57 -4.13 -2.71
CA GLY A 36 -8.67 -4.69 -1.37
C GLY A 36 -7.92 -5.99 -1.23
N ASP A 37 -6.69 -6.03 -1.73
CA ASP A 37 -5.87 -7.23 -1.66
C ASP A 37 -4.51 -6.91 -1.04
N LEU A 38 -4.46 -6.90 0.29
CA LEU A 38 -3.22 -6.61 1.00
C LEU A 38 -2.01 -7.15 0.24
N LYS A 39 -2.12 -8.39 -0.22
CA LYS A 39 -1.04 -9.02 -0.96
C LYS A 39 -0.65 -8.20 -2.19
N GLN A 40 -1.63 -7.94 -3.05
CA GLN A 40 -1.40 -7.16 -4.26
C GLN A 40 -0.96 -5.74 -3.90
N ALA A 41 -1.72 -5.08 -3.03
CA ALA A 41 -1.41 -3.72 -2.62
C ALA A 41 0.10 -3.50 -2.58
N GLU A 42 0.82 -4.43 -1.94
CA GLU A 42 2.27 -4.33 -1.84
C GLU A 42 2.92 -4.31 -3.21
N ILE A 43 2.51 -5.23 -4.07
CA ILE A 43 3.06 -5.32 -5.42
C ILE A 43 2.96 -3.99 -6.14
N TRP A 44 1.81 -3.34 -6.02
CA TRP A 44 1.58 -2.05 -6.66
C TRP A 44 2.55 -1.00 -6.12
N LEU A 45 2.52 -0.79 -4.81
CA LEU A 45 3.39 0.19 -4.17
C LEU A 45 4.83 0.01 -4.65
N HIS A 46 5.37 -1.20 -4.49
CA HIS A 46 6.73 -1.49 -4.90
C HIS A 46 6.96 -1.12 -6.35
N LYS A 47 6.04 -1.53 -7.22
CA LYS A 47 6.13 -1.25 -8.64
C LYS A 47 6.25 0.26 -8.88
N GLU A 48 5.43 1.04 -8.19
CA GLU A 48 5.45 2.48 -8.33
C GLU A 48 6.78 3.06 -7.86
N ALA A 49 7.27 2.57 -6.73
CA ALA A 49 8.53 3.03 -6.18
C ALA A 49 9.66 2.89 -7.19
N GLN A 50 9.69 1.74 -7.88
CA GLN A 50 10.72 1.48 -8.87
C GLN A 50 10.78 2.60 -9.90
N LYS A 51 9.61 3.07 -10.33
CA LYS A 51 9.54 4.15 -11.30
C LYS A 51 9.80 5.51 -10.64
N GLU A 52 8.93 5.89 -9.72
CA GLU A 52 9.07 7.16 -9.01
C GLU A 52 10.41 7.23 -8.28
N GLY A 53 10.58 6.35 -7.30
CA GLY A 53 11.81 6.33 -6.53
C GLY A 53 11.62 6.86 -5.12
N TRP A 54 11.32 5.96 -4.20
CA TRP A 54 11.12 6.35 -2.80
C TRP A 54 12.18 5.72 -1.90
N SER A 55 13.21 6.49 -1.57
CA SER A 55 14.29 6.01 -0.72
C SER A 55 14.16 6.56 0.69
N LYS A 56 14.91 5.99 1.63
CA LYS A 56 14.88 6.43 3.02
C LYS A 56 16.29 6.62 3.55
N ALA A 57 16.45 7.59 4.44
CA ALA A 57 17.75 7.88 5.04
C ALA A 57 18.19 6.76 5.96
N ALA A 58 19.29 6.09 5.60
CA ALA A 58 19.82 4.99 6.40
C ALA A 58 20.26 5.48 7.77
N SER A 59 20.52 4.52 8.67
CA SER A 59 20.95 4.85 10.03
C SER A 59 21.93 3.82 10.55
N GLY A 60 22.44 4.05 11.76
CA GLY A 60 23.38 3.12 12.36
C GLY A 60 22.88 2.54 13.66
N PRO A 61 23.27 1.29 13.95
CA PRO A 61 22.86 0.60 15.17
C PRO A 61 23.52 1.18 16.42
N SER A 62 22.79 1.16 17.53
CA SER A 62 23.30 1.69 18.79
C SER A 62 23.89 0.58 19.66
N SER A 63 24.75 0.97 20.59
CA SER A 63 25.38 0.00 21.48
C SER A 63 25.34 0.49 22.93
N GLY A 64 25.63 -0.42 23.86
CA GLY A 64 25.62 -0.06 25.26
C GLY A 64 26.96 -0.28 25.94
N GLY A 1 -11.92 -10.77 14.75
CA GLY A 1 -12.78 -10.11 15.71
C GLY A 1 -14.24 -10.15 15.28
N SER A 2 -14.64 -9.17 14.47
CA SER A 2 -16.02 -9.10 14.00
C SER A 2 -16.09 -8.39 12.65
N SER A 3 -17.29 -8.31 12.09
CA SER A 3 -17.49 -7.67 10.80
C SER A 3 -17.90 -6.21 10.98
N GLY A 4 -17.70 -5.41 9.94
CA GLY A 4 -18.06 -4.00 10.01
C GLY A 4 -19.05 -3.60 8.94
N SER A 5 -18.67 -2.63 8.11
CA SER A 5 -19.54 -2.15 7.04
C SER A 5 -18.73 -1.59 5.88
N SER A 6 -19.23 -1.78 4.66
CA SER A 6 -18.54 -1.29 3.47
C SER A 6 -18.37 0.23 3.53
N GLY A 7 -17.69 0.77 2.52
CA GLY A 7 -17.48 2.21 2.47
C GLY A 7 -16.02 2.56 2.20
N SER A 8 -15.31 2.96 3.25
CA SER A 8 -13.90 3.33 3.11
C SER A 8 -13.00 2.34 3.84
N SER A 9 -12.46 1.38 3.09
CA SER A 9 -11.58 0.37 3.67
C SER A 9 -10.70 0.96 4.76
N LYS A 10 -10.82 0.44 5.97
CA LYS A 10 -10.02 0.92 7.09
C LYS A 10 -9.18 -0.21 7.69
N GLU A 11 -9.86 -1.18 8.31
CA GLU A 11 -9.17 -2.31 8.92
C GLU A 11 -8.01 -2.78 8.05
N LEU A 12 -8.27 -2.88 6.74
CA LEU A 12 -7.24 -3.31 5.80
C LEU A 12 -6.14 -2.27 5.67
N LEU A 13 -6.53 -1.00 5.61
CA LEU A 13 -5.57 0.09 5.49
C LEU A 13 -4.57 0.06 6.64
N MET A 14 -5.07 -0.13 7.86
CA MET A 14 -4.22 -0.18 9.04
C MET A 14 -3.25 -1.34 8.97
N LYS A 15 -3.73 -2.48 8.46
CA LYS A 15 -2.90 -3.67 8.33
C LYS A 15 -1.79 -3.46 7.32
N LEU A 16 -2.14 -2.89 6.17
CA LEU A 16 -1.17 -2.63 5.11
C LEU A 16 -0.25 -1.48 5.50
N ARG A 17 -0.79 -0.51 6.23
CA ARG A 17 -0.01 0.64 6.66
C ARG A 17 1.36 0.22 7.19
N ARG A 18 1.36 -0.82 8.03
CA ARG A 18 2.61 -1.32 8.60
C ARG A 18 3.35 -2.20 7.59
N LYS A 19 2.62 -3.14 7.00
CA LYS A 19 3.21 -4.05 6.02
C LYS A 19 4.06 -3.29 5.00
N THR A 20 3.42 -2.39 4.27
CA THR A 20 4.13 -1.59 3.27
C THR A 20 5.00 -0.52 3.93
N GLY A 21 4.47 0.12 4.96
CA GLY A 21 5.19 1.16 5.66
C GLY A 21 5.34 2.42 4.84
N TYR A 22 4.29 2.76 4.10
CA TYR A 22 4.29 3.95 3.26
C TYR A 22 3.29 4.97 3.77
N SER A 23 3.22 6.12 3.10
CA SER A 23 2.32 7.19 3.48
C SER A 23 0.89 6.67 3.59
N PHE A 24 0.21 7.05 4.66
CA PHE A 24 -1.17 6.63 4.89
C PHE A 24 -2.01 6.80 3.62
N VAL A 25 -1.90 7.97 3.00
CA VAL A 25 -2.64 8.27 1.78
C VAL A 25 -2.19 7.36 0.64
N ASN A 26 -0.88 7.14 0.54
CA ASN A 26 -0.33 6.29 -0.51
C ASN A 26 -0.95 4.89 -0.47
N CYS A 27 -0.73 4.20 0.64
CA CYS A 27 -1.27 2.84 0.81
C CYS A 27 -2.68 2.75 0.24
N LYS A 28 -3.59 3.57 0.75
CA LYS A 28 -4.97 3.57 0.30
C LYS A 28 -5.04 3.47 -1.22
N LYS A 29 -4.35 4.37 -1.91
CA LYS A 29 -4.33 4.38 -3.37
C LYS A 29 -4.08 2.99 -3.92
N ALA A 30 -3.16 2.27 -3.28
CA ALA A 30 -2.83 0.90 -3.70
C ALA A 30 -3.97 -0.06 -3.41
N LEU A 31 -4.46 -0.04 -2.17
CA LEU A 31 -5.55 -0.91 -1.76
C LEU A 31 -6.74 -0.76 -2.70
N GLU A 32 -7.10 0.48 -3.00
CA GLU A 32 -8.22 0.76 -3.90
C GLU A 32 -7.91 0.34 -5.33
N THR A 33 -6.98 1.05 -5.96
CA THR A 33 -6.59 0.75 -7.33
C THR A 33 -6.44 -0.75 -7.54
N CYS A 34 -5.97 -1.45 -6.51
CA CYS A 34 -5.78 -2.90 -6.58
C CYS A 34 -7.09 -3.63 -6.30
N GLY A 35 -7.55 -3.54 -5.05
CA GLY A 35 -8.79 -4.20 -4.67
C GLY A 35 -8.74 -4.76 -3.27
N GLY A 36 -8.61 -3.86 -2.29
CA GLY A 36 -8.56 -4.29 -0.90
C GLY A 36 -7.80 -5.59 -0.72
N ASP A 37 -6.60 -5.66 -1.28
CA ASP A 37 -5.77 -6.85 -1.18
C ASP A 37 -4.35 -6.50 -0.76
N LEU A 38 -4.07 -6.66 0.53
CA LEU A 38 -2.75 -6.36 1.07
C LEU A 38 -1.65 -6.82 0.11
N LYS A 39 -1.75 -8.05 -0.35
CA LYS A 39 -0.78 -8.62 -1.28
C LYS A 39 -0.70 -7.79 -2.55
N GLN A 40 -1.80 -7.74 -3.30
CA GLN A 40 -1.86 -6.98 -4.54
C GLN A 40 -1.49 -5.52 -4.29
N ALA A 41 -1.60 -5.08 -3.04
CA ALA A 41 -1.27 -3.71 -2.68
C ALA A 41 0.21 -3.56 -2.37
N GLU A 42 0.78 -4.59 -1.76
CA GLU A 42 2.20 -4.58 -1.40
C GLU A 42 3.08 -4.57 -2.65
N ILE A 43 2.63 -5.29 -3.69
CA ILE A 43 3.38 -5.36 -4.93
C ILE A 43 3.33 -4.04 -5.69
N TRP A 44 2.18 -3.38 -5.64
CA TRP A 44 2.00 -2.09 -6.31
C TRP A 44 2.98 -1.05 -5.78
N LEU A 45 2.77 -0.64 -4.53
CA LEU A 45 3.62 0.36 -3.90
C LEU A 45 5.09 0.07 -4.20
N HIS A 46 5.54 -1.14 -3.86
CA HIS A 46 6.93 -1.53 -4.09
C HIS A 46 7.33 -1.28 -5.54
N LYS A 47 6.41 -1.57 -6.47
CA LYS A 47 6.66 -1.37 -7.88
C LYS A 47 6.76 0.11 -8.22
N GLU A 48 5.69 0.85 -7.96
CA GLU A 48 5.66 2.28 -8.23
C GLU A 48 6.86 2.98 -7.62
N ALA A 49 7.26 2.53 -6.43
CA ALA A 49 8.40 3.10 -5.73
C ALA A 49 9.69 2.91 -6.53
N GLN A 50 9.75 1.82 -7.30
CA GLN A 50 10.92 1.53 -8.11
C GLN A 50 10.98 2.42 -9.35
N LYS A 51 9.84 2.57 -10.02
CA LYS A 51 9.76 3.41 -11.21
C LYS A 51 9.90 4.88 -10.86
N GLU A 52 9.16 5.32 -9.84
CA GLU A 52 9.20 6.70 -9.40
C GLU A 52 10.45 6.97 -8.56
N GLY A 53 10.55 6.30 -7.42
CA GLY A 53 11.69 6.49 -6.55
C GLY A 53 11.33 7.19 -5.25
N TRP A 54 10.68 6.47 -4.36
CA TRP A 54 10.28 7.04 -3.07
C TRP A 54 11.24 6.63 -1.96
N SER A 55 11.37 5.32 -1.75
CA SER A 55 12.26 4.80 -0.72
C SER A 55 13.72 4.98 -1.12
N LYS A 56 14.47 5.69 -0.29
CA LYS A 56 15.89 5.94 -0.55
C LYS A 56 16.75 4.78 -0.04
N ALA A 57 16.24 3.57 -0.19
CA ALA A 57 16.97 2.38 0.25
C ALA A 57 17.37 1.50 -0.93
N ALA A 58 18.21 0.51 -0.66
CA ALA A 58 18.68 -0.40 -1.71
C ALA A 58 18.29 -1.84 -1.40
N SER A 59 17.08 -2.22 -1.79
CA SER A 59 16.59 -3.57 -1.56
C SER A 59 15.75 -4.06 -2.73
N GLY A 60 15.78 -5.37 -2.96
CA GLY A 60 15.02 -5.94 -4.06
C GLY A 60 13.74 -6.60 -3.59
N PRO A 61 12.71 -6.57 -4.46
CA PRO A 61 11.40 -7.16 -4.15
C PRO A 61 11.45 -8.69 -4.09
N SER A 62 12.60 -9.24 -4.44
CA SER A 62 12.77 -10.70 -4.44
C SER A 62 14.00 -11.10 -3.62
N SER A 63 14.01 -12.33 -3.14
CA SER A 63 15.11 -12.84 -2.34
C SER A 63 15.29 -14.33 -2.54
N GLY A 64 16.51 -14.82 -2.33
CA GLY A 64 16.80 -16.23 -2.50
C GLY A 64 18.16 -16.62 -1.96
N GLY A 1 -20.99 -8.95 18.26
CA GLY A 1 -20.24 -9.80 17.36
C GLY A 1 -20.71 -9.69 15.92
N SER A 2 -20.35 -8.59 15.26
CA SER A 2 -20.74 -8.37 13.88
C SER A 2 -19.61 -8.73 12.92
N SER A 3 -19.97 -9.21 11.74
CA SER A 3 -18.98 -9.59 10.73
C SER A 3 -19.57 -9.51 9.33
N GLY A 4 -19.05 -8.58 8.53
CA GLY A 4 -19.54 -8.42 7.18
C GLY A 4 -20.18 -7.06 6.95
N SER A 5 -19.44 -6.14 6.35
CA SER A 5 -19.94 -4.80 6.09
C SER A 5 -19.35 -4.24 4.80
N SER A 6 -20.07 -3.32 4.17
CA SER A 6 -19.61 -2.71 2.93
C SER A 6 -19.18 -1.26 3.16
N GLY A 7 -18.35 -0.75 2.25
CA GLY A 7 -17.88 0.61 2.37
C GLY A 7 -16.36 0.71 2.27
N SER A 8 -15.79 1.71 2.93
CA SER A 8 -14.35 1.91 2.90
C SER A 8 -13.63 0.81 3.67
N SER A 9 -12.32 0.70 3.45
CA SER A 9 -11.52 -0.31 4.12
C SER A 9 -10.50 0.32 5.07
N LYS A 10 -10.95 0.61 6.29
CA LYS A 10 -10.08 1.23 7.29
C LYS A 10 -9.10 0.20 7.86
N GLU A 11 -9.64 -0.89 8.39
CA GLU A 11 -8.81 -1.95 8.96
C GLU A 11 -7.66 -2.31 8.03
N LEU A 12 -8.01 -2.75 6.82
CA LEU A 12 -7.02 -3.14 5.82
C LEU A 12 -5.99 -2.03 5.64
N LEU A 13 -6.46 -0.79 5.59
CA LEU A 13 -5.57 0.36 5.42
C LEU A 13 -4.55 0.44 6.54
N MET A 14 -5.01 0.22 7.76
CA MET A 14 -4.14 0.27 8.93
C MET A 14 -3.19 -0.93 8.95
N LYS A 15 -3.70 -2.08 8.51
CA LYS A 15 -2.90 -3.30 8.47
C LYS A 15 -1.77 -3.18 7.46
N LEU A 16 -2.07 -2.58 6.32
CA LEU A 16 -1.07 -2.39 5.27
C LEU A 16 -0.08 -1.29 5.63
N ARG A 17 -0.55 -0.32 6.40
CA ARG A 17 0.28 0.80 6.83
C ARG A 17 1.55 0.30 7.52
N ARG A 18 1.38 -0.62 8.47
CA ARG A 18 2.51 -1.18 9.20
C ARG A 18 3.21 -2.26 8.38
N LYS A 19 2.41 -3.11 7.74
CA LYS A 19 2.96 -4.19 6.92
C LYS A 19 3.94 -3.65 5.88
N THR A 20 3.63 -2.48 5.32
CA THR A 20 4.47 -1.86 4.32
C THR A 20 5.26 -0.71 4.92
N GLY A 21 4.58 0.16 5.66
CA GLY A 21 5.23 1.30 6.27
C GLY A 21 4.75 2.62 5.71
N TYR A 22 4.46 2.64 4.41
CA TYR A 22 3.99 3.86 3.76
C TYR A 22 2.86 4.50 4.56
N SER A 23 2.66 5.80 4.35
CA SER A 23 1.61 6.54 5.04
C SER A 23 0.23 6.04 4.63
N PHE A 24 -0.80 6.64 5.21
CA PHE A 24 -2.18 6.26 4.90
C PHE A 24 -2.50 6.52 3.43
N VAL A 25 -2.20 7.73 2.97
CA VAL A 25 -2.45 8.10 1.59
C VAL A 25 -2.00 7.01 0.63
N ASN A 26 -0.77 6.54 0.80
CA ASN A 26 -0.23 5.49 -0.04
C ASN A 26 -1.11 4.25 -0.01
N CYS A 27 -1.26 3.67 1.17
CA CYS A 27 -2.07 2.47 1.34
C CYS A 27 -3.45 2.66 0.71
N LYS A 28 -4.17 3.69 1.19
CA LYS A 28 -5.50 3.97 0.68
C LYS A 28 -5.54 3.86 -0.85
N LYS A 29 -4.47 4.29 -1.50
CA LYS A 29 -4.38 4.23 -2.95
C LYS A 29 -4.20 2.79 -3.43
N ALA A 30 -3.02 2.23 -3.18
CA ALA A 30 -2.73 0.86 -3.59
C ALA A 30 -3.93 -0.05 -3.35
N LEU A 31 -4.58 0.12 -2.19
CA LEU A 31 -5.75 -0.68 -1.85
C LEU A 31 -6.90 -0.42 -2.82
N GLU A 32 -7.03 0.82 -3.26
CA GLU A 32 -8.09 1.19 -4.18
C GLU A 32 -7.77 0.71 -5.59
N THR A 33 -6.58 1.04 -6.08
CA THR A 33 -6.15 0.63 -7.41
C THR A 33 -6.14 -0.89 -7.55
N CYS A 34 -5.67 -1.56 -6.51
CA CYS A 34 -5.62 -3.02 -6.51
C CYS A 34 -6.98 -3.63 -6.26
N GLY A 35 -7.62 -3.23 -5.16
CA GLY A 35 -8.93 -3.75 -4.82
C GLY A 35 -8.94 -4.52 -3.51
N GLY A 36 -8.45 -3.87 -2.45
CA GLY A 36 -8.41 -4.53 -1.15
C GLY A 36 -7.58 -5.80 -1.17
N ASP A 37 -6.62 -5.86 -2.07
CA ASP A 37 -5.75 -7.03 -2.19
C ASP A 37 -4.40 -6.79 -1.50
N LEU A 38 -4.39 -6.85 -0.18
CA LEU A 38 -3.18 -6.64 0.59
C LEU A 38 -1.96 -7.16 -0.17
N LYS A 39 -2.08 -8.38 -0.69
CA LYS A 39 -0.98 -9.00 -1.43
C LYS A 39 -0.50 -8.07 -2.55
N GLN A 40 -1.39 -7.76 -3.48
CA GLN A 40 -1.05 -6.89 -4.60
C GLN A 40 -0.63 -5.51 -4.11
N ALA A 41 -1.46 -4.91 -3.24
CA ALA A 41 -1.18 -3.60 -2.70
C ALA A 41 0.32 -3.39 -2.50
N GLU A 42 0.97 -4.38 -1.90
CA GLU A 42 2.41 -4.31 -1.65
C GLU A 42 3.19 -4.21 -2.97
N ILE A 43 3.07 -5.25 -3.79
CA ILE A 43 3.76 -5.28 -5.08
C ILE A 43 3.55 -3.98 -5.85
N TRP A 44 2.35 -3.43 -5.73
CA TRP A 44 2.02 -2.17 -6.41
C TRP A 44 2.95 -1.05 -5.97
N LEU A 45 2.80 -0.62 -4.73
CA LEU A 45 3.62 0.45 -4.18
C LEU A 45 5.09 0.26 -4.57
N HIS A 46 5.62 -0.92 -4.29
CA HIS A 46 7.01 -1.23 -4.60
C HIS A 46 7.28 -1.04 -6.09
N LYS A 47 6.41 -1.60 -6.92
CA LYS A 47 6.56 -1.48 -8.37
C LYS A 47 6.63 -0.02 -8.80
N GLU A 48 5.73 0.80 -8.26
CA GLU A 48 5.70 2.22 -8.59
C GLU A 48 6.98 2.91 -8.14
N ALA A 49 7.42 2.59 -6.93
CA ALA A 49 8.64 3.18 -6.37
C ALA A 49 9.84 2.90 -7.27
N GLN A 50 9.97 1.64 -7.68
CA GLN A 50 11.09 1.23 -8.53
C GLN A 50 11.16 2.11 -9.78
N LYS A 51 10.00 2.41 -10.36
CA LYS A 51 9.92 3.22 -11.56
C LYS A 51 10.07 4.71 -11.21
N GLU A 52 9.10 5.24 -10.48
CA GLU A 52 9.14 6.64 -10.08
C GLU A 52 10.42 6.96 -9.31
N GLY A 53 10.59 6.30 -8.18
CA GLY A 53 11.77 6.53 -7.36
C GLY A 53 11.48 7.34 -6.11
N TRP A 54 10.49 6.89 -5.35
CA TRP A 54 10.10 7.58 -4.12
C TRP A 54 11.21 7.49 -3.08
N SER A 55 11.76 8.65 -2.69
CA SER A 55 12.83 8.70 -1.71
C SER A 55 12.56 7.72 -0.57
N LYS A 56 13.25 6.58 -0.60
CA LYS A 56 13.10 5.56 0.43
C LYS A 56 14.43 4.91 0.76
N ALA A 57 14.63 4.60 2.04
CA ALA A 57 15.86 3.97 2.49
C ALA A 57 15.64 2.51 2.84
N ALA A 58 16.72 1.74 2.87
CA ALA A 58 16.64 0.32 3.19
C ALA A 58 16.27 0.11 4.66
N SER A 59 17.06 0.69 5.55
CA SER A 59 16.83 0.56 6.98
C SER A 59 16.72 -0.91 7.39
N GLY A 60 17.57 -1.73 6.79
CA GLY A 60 17.56 -3.15 7.09
C GLY A 60 18.54 -3.94 6.25
N PRO A 61 19.12 -5.00 6.84
CA PRO A 61 20.09 -5.85 6.15
C PRO A 61 19.45 -6.69 5.05
N SER A 62 18.14 -6.83 5.11
CA SER A 62 17.39 -7.62 4.12
C SER A 62 17.55 -6.99 2.73
N SER A 63 17.51 -7.84 1.71
CA SER A 63 17.65 -7.38 0.33
C SER A 63 17.20 -8.46 -0.65
N GLY A 64 16.32 -8.09 -1.57
CA GLY A 64 15.83 -9.04 -2.56
C GLY A 64 14.50 -8.61 -3.15
N GLY A 1 -18.96 -9.47 3.18
CA GLY A 1 -19.57 -8.32 2.54
C GLY A 1 -18.85 -7.91 1.27
N SER A 2 -19.62 -7.67 0.21
CA SER A 2 -19.04 -7.27 -1.07
C SER A 2 -18.75 -5.78 -1.09
N SER A 3 -18.16 -5.28 -0.02
CA SER A 3 -17.82 -3.86 0.09
C SER A 3 -17.05 -3.39 -1.14
N GLY A 4 -17.45 -2.25 -1.68
CA GLY A 4 -16.79 -1.71 -2.85
C GLY A 4 -17.34 -0.35 -3.26
N SER A 5 -18.59 -0.33 -3.69
CA SER A 5 -19.22 0.92 -4.11
C SER A 5 -19.30 1.91 -2.96
N SER A 6 -19.75 1.42 -1.80
CA SER A 6 -19.87 2.26 -0.61
C SER A 6 -19.44 1.51 0.64
N GLY A 7 -18.29 1.89 1.18
CA GLY A 7 -17.78 1.24 2.38
C GLY A 7 -16.41 1.73 2.77
N SER A 8 -16.18 1.87 4.07
CA SER A 8 -14.89 2.34 4.58
C SER A 8 -13.91 1.19 4.74
N SER A 9 -12.98 1.08 3.80
CA SER A 9 -11.98 0.00 3.83
C SER A 9 -10.77 0.43 4.64
N LYS A 10 -11.02 1.10 5.77
CA LYS A 10 -9.95 1.56 6.64
C LYS A 10 -9.24 0.38 7.31
N GLU A 11 -10.01 -0.47 7.96
CA GLU A 11 -9.46 -1.64 8.64
C GLU A 11 -8.33 -2.25 7.83
N LEU A 12 -8.59 -2.51 6.55
CA LEU A 12 -7.59 -3.10 5.67
C LEU A 12 -6.37 -2.19 5.54
N LEU A 13 -6.61 -0.88 5.56
CA LEU A 13 -5.54 0.10 5.45
C LEU A 13 -4.68 0.10 6.70
N MET A 14 -5.30 -0.15 7.85
CA MET A 14 -4.58 -0.18 9.12
C MET A 14 -3.56 -1.31 9.15
N LYS A 15 -3.93 -2.44 8.55
CA LYS A 15 -3.04 -3.60 8.49
C LYS A 15 -1.90 -3.37 7.51
N LEU A 16 -2.25 -3.09 6.26
CA LEU A 16 -1.25 -2.85 5.23
C LEU A 16 -0.40 -1.63 5.57
N ARG A 17 -0.86 -0.84 6.54
CA ARG A 17 -0.14 0.35 6.96
C ARG A 17 1.24 0.00 7.49
N ARG A 18 1.28 -0.89 8.48
CA ARG A 18 2.54 -1.31 9.08
C ARG A 18 3.20 -2.41 8.26
N LYS A 19 2.60 -2.70 7.10
CA LYS A 19 3.13 -3.73 6.22
C LYS A 19 4.14 -3.16 5.24
N THR A 20 3.81 -2.01 4.64
CA THR A 20 4.70 -1.35 3.70
C THR A 20 5.57 -0.32 4.40
N GLY A 21 4.93 0.64 5.04
CA GLY A 21 5.67 1.69 5.75
C GLY A 21 5.62 3.02 5.03
N TYR A 22 4.59 3.21 4.21
CA TYR A 22 4.42 4.44 3.45
C TYR A 22 3.40 5.37 4.12
N SER A 23 3.11 6.48 3.47
CA SER A 23 2.15 7.45 4.00
C SER A 23 0.77 6.84 4.10
N PHE A 24 0.05 7.17 5.18
CA PHE A 24 -1.29 6.65 5.40
C PHE A 24 -2.09 6.65 4.10
N VAL A 25 -1.76 7.58 3.21
CA VAL A 25 -2.45 7.69 1.93
C VAL A 25 -1.87 6.70 0.92
N ASN A 26 -0.56 6.49 0.98
CA ASN A 26 0.10 5.57 0.07
C ASN A 26 -0.60 4.21 0.04
N CYS A 27 -0.80 3.63 1.23
CA CYS A 27 -1.46 2.34 1.34
C CYS A 27 -2.88 2.41 0.80
N LYS A 28 -3.67 3.33 1.33
CA LYS A 28 -5.06 3.51 0.91
C LYS A 28 -5.17 3.45 -0.62
N LYS A 29 -4.23 4.11 -1.30
CA LYS A 29 -4.22 4.13 -2.76
C LYS A 29 -3.93 2.74 -3.32
N ALA A 30 -2.86 2.13 -2.84
CA ALA A 30 -2.47 0.80 -3.29
C ALA A 30 -3.62 -0.19 -3.15
N LEU A 31 -4.33 -0.10 -2.02
CA LEU A 31 -5.46 -0.98 -1.76
C LEU A 31 -6.54 -0.82 -2.83
N GLU A 32 -6.85 0.44 -3.15
CA GLU A 32 -7.86 0.74 -4.16
C GLU A 32 -7.43 0.26 -5.54
N THR A 33 -6.29 0.75 -6.00
CA THR A 33 -5.76 0.39 -7.30
C THR A 33 -5.74 -1.13 -7.48
N CYS A 34 -5.38 -1.84 -6.42
CA CYS A 34 -5.32 -3.30 -6.45
C CYS A 34 -6.71 -3.90 -6.16
N GLY A 35 -7.52 -3.17 -5.40
CA GLY A 35 -8.84 -3.65 -5.07
C GLY A 35 -8.89 -4.35 -3.73
N GLY A 36 -8.73 -3.58 -2.66
CA GLY A 36 -8.76 -4.16 -1.32
C GLY A 36 -7.90 -5.40 -1.20
N ASP A 37 -6.81 -5.43 -1.97
CA ASP A 37 -5.90 -6.58 -1.96
C ASP A 37 -4.67 -6.29 -1.10
N LEU A 38 -4.44 -7.12 -0.09
CA LEU A 38 -3.31 -6.95 0.80
C LEU A 38 -2.01 -7.36 0.12
N LYS A 39 -2.03 -8.54 -0.52
CA LYS A 39 -0.86 -9.05 -1.21
C LYS A 39 -0.49 -8.15 -2.39
N GLN A 40 -1.42 -7.99 -3.32
CA GLN A 40 -1.20 -7.16 -4.49
C GLN A 40 -0.84 -5.73 -4.09
N ALA A 41 -1.57 -5.20 -3.12
CA ALA A 41 -1.33 -3.84 -2.63
C ALA A 41 0.16 -3.54 -2.58
N GLU A 42 0.91 -4.40 -1.90
CA GLU A 42 2.35 -4.22 -1.76
C GLU A 42 3.02 -4.17 -3.13
N ILE A 43 2.79 -5.22 -3.93
CA ILE A 43 3.37 -5.30 -5.26
C ILE A 43 3.24 -3.97 -6.01
N TRP A 44 2.07 -3.35 -5.87
CA TRP A 44 1.83 -2.07 -6.53
C TRP A 44 2.75 -0.98 -6.00
N LEU A 45 2.68 -0.73 -4.70
CA LEU A 45 3.52 0.29 -4.07
C LEU A 45 4.97 0.13 -4.50
N HIS A 46 5.54 -1.03 -4.21
CA HIS A 46 6.93 -1.32 -4.57
C HIS A 46 7.18 -1.03 -6.05
N LYS A 47 6.26 -1.47 -6.90
CA LYS A 47 6.37 -1.27 -8.34
C LYS A 47 6.43 0.22 -8.67
N GLU A 48 5.58 1.01 -8.00
CA GLU A 48 5.54 2.44 -8.23
C GLU A 48 6.79 3.11 -7.68
N ALA A 49 7.28 2.61 -6.55
CA ALA A 49 8.47 3.17 -5.92
C ALA A 49 9.71 2.93 -6.78
N GLN A 50 9.81 1.73 -7.34
CA GLN A 50 10.95 1.38 -8.18
C GLN A 50 10.96 2.22 -9.47
N LYS A 51 9.79 2.35 -10.08
CA LYS A 51 9.67 3.13 -11.32
C LYS A 51 9.74 4.63 -11.02
N GLU A 52 8.78 5.12 -10.24
CA GLU A 52 8.73 6.52 -9.88
C GLU A 52 9.95 6.92 -9.07
N GLY A 53 10.10 6.34 -7.89
CA GLY A 53 11.23 6.63 -7.04
C GLY A 53 10.84 7.46 -5.83
N TRP A 54 10.46 6.77 -4.75
CA TRP A 54 10.05 7.45 -3.52
C TRP A 54 11.22 7.57 -2.55
N SER A 55 11.79 8.77 -2.45
CA SER A 55 12.92 9.01 -1.56
C SER A 55 12.55 8.73 -0.12
N LYS A 56 13.43 8.02 0.58
CA LYS A 56 13.19 7.67 1.97
C LYS A 56 12.92 8.91 2.81
N ALA A 57 12.02 8.78 3.77
CA ALA A 57 11.67 9.90 4.65
C ALA A 57 11.07 9.41 5.96
N ALA A 58 11.06 10.27 6.96
CA ALA A 58 10.51 9.92 8.27
C ALA A 58 9.84 11.12 8.93
N SER A 59 8.90 10.87 9.82
CA SER A 59 8.18 11.93 10.51
C SER A 59 8.71 12.10 11.94
N GLY A 60 10.03 12.04 12.08
CA GLY A 60 10.64 12.19 13.39
C GLY A 60 11.47 13.47 13.49
N PRO A 61 12.38 13.49 14.48
CA PRO A 61 13.25 14.65 14.71
C PRO A 61 14.29 14.82 13.61
N SER A 62 14.65 16.08 13.34
CA SER A 62 15.62 16.38 12.29
C SER A 62 17.04 16.10 12.79
N SER A 63 17.46 16.84 13.82
CA SER A 63 18.79 16.66 14.38
C SER A 63 18.74 16.66 15.91
N GLY A 64 19.44 15.70 16.51
CA GLY A 64 19.45 15.60 17.96
C GLY A 64 18.75 14.36 18.48
N GLY A 1 -28.06 6.56 -6.15
CA GLY A 1 -27.27 7.21 -5.12
C GLY A 1 -27.16 6.39 -3.86
N SER A 2 -26.72 5.14 -4.00
CA SER A 2 -26.59 4.24 -2.87
C SER A 2 -25.44 3.26 -3.08
N SER A 3 -24.73 2.94 -2.00
CA SER A 3 -23.60 2.02 -2.09
C SER A 3 -23.22 1.51 -0.69
N GLY A 4 -23.04 0.20 -0.58
CA GLY A 4 -22.68 -0.39 0.69
C GLY A 4 -21.35 -1.12 0.64
N SER A 5 -21.12 -1.84 -0.46
CA SER A 5 -19.88 -2.60 -0.63
C SER A 5 -18.92 -1.86 -1.56
N SER A 6 -17.66 -2.29 -1.57
CA SER A 6 -16.65 -1.68 -2.41
C SER A 6 -16.38 -0.24 -1.98
N GLY A 7 -16.28 -0.04 -0.66
CA GLY A 7 -16.03 1.30 -0.14
C GLY A 7 -14.58 1.49 0.25
N SER A 8 -14.34 2.41 1.19
CA SER A 8 -12.99 2.69 1.65
C SER A 8 -12.44 1.54 2.50
N SER A 9 -11.19 1.19 2.26
CA SER A 9 -10.55 0.10 2.99
C SER A 9 -9.88 0.62 4.26
N LYS A 10 -10.69 0.93 5.27
CA LYS A 10 -10.18 1.44 6.53
C LYS A 10 -9.50 0.33 7.33
N GLU A 11 -10.30 -0.59 7.85
CA GLU A 11 -9.77 -1.71 8.63
C GLU A 11 -8.54 -2.32 7.96
N LEU A 12 -8.66 -2.62 6.68
CA LEU A 12 -7.56 -3.20 5.92
C LEU A 12 -6.36 -2.27 5.91
N LEU A 13 -6.61 -0.99 5.64
CA LEU A 13 -5.54 0.01 5.59
C LEU A 13 -4.68 -0.07 6.84
N MET A 14 -5.33 -0.14 8.00
CA MET A 14 -4.62 -0.22 9.27
C MET A 14 -3.58 -1.35 9.24
N LYS A 15 -3.92 -2.43 8.57
CA LYS A 15 -3.01 -3.57 8.47
C LYS A 15 -1.86 -3.28 7.50
N LEU A 16 -2.21 -2.88 6.28
CA LEU A 16 -1.20 -2.56 5.27
C LEU A 16 -0.23 -1.50 5.79
N ARG A 17 -0.74 -0.53 6.52
CA ARG A 17 0.08 0.53 7.07
C ARG A 17 1.39 -0.02 7.62
N ARG A 18 1.28 -0.97 8.55
CA ARG A 18 2.46 -1.59 9.15
C ARG A 18 3.09 -2.60 8.21
N LYS A 19 2.24 -3.34 7.49
CA LYS A 19 2.72 -4.35 6.55
C LYS A 19 3.83 -3.79 5.66
N THR A 20 3.66 -2.54 5.22
CA THR A 20 4.65 -1.89 4.37
C THR A 20 5.31 -0.73 5.10
N GLY A 21 4.49 0.18 5.64
CA GLY A 21 5.02 1.32 6.35
C GLY A 21 5.06 2.57 5.49
N TYR A 22 4.13 2.66 4.53
CA TYR A 22 4.07 3.81 3.63
C TYR A 22 3.04 4.82 4.12
N SER A 23 3.18 6.06 3.67
CA SER A 23 2.26 7.14 4.05
C SER A 23 0.85 6.60 4.21
N PHE A 24 0.08 7.22 5.10
CA PHE A 24 -1.30 6.81 5.34
C PHE A 24 -2.13 6.93 4.07
N VAL A 25 -1.77 7.88 3.22
CA VAL A 25 -2.49 8.10 1.97
C VAL A 25 -2.03 7.12 0.90
N ASN A 26 -0.76 6.73 0.97
CA ASN A 26 -0.20 5.79 -0.01
C ASN A 26 -0.93 4.44 0.05
N CYS A 27 -1.08 3.90 1.25
CA CYS A 27 -1.76 2.62 1.44
C CYS A 27 -3.18 2.68 0.88
N LYS A 28 -3.99 3.57 1.45
CA LYS A 28 -5.37 3.72 1.02
C LYS A 28 -5.49 3.63 -0.50
N LYS A 29 -4.45 4.10 -1.19
CA LYS A 29 -4.43 4.07 -2.65
C LYS A 29 -4.16 2.66 -3.15
N ALA A 30 -2.93 2.20 -2.98
CA ALA A 30 -2.54 0.86 -3.42
C ALA A 30 -3.67 -0.14 -3.20
N LEU A 31 -4.36 -0.02 -2.08
CA LEU A 31 -5.46 -0.91 -1.75
C LEU A 31 -6.61 -0.75 -2.75
N GLU A 32 -6.90 0.50 -3.11
CA GLU A 32 -7.96 0.79 -4.07
C GLU A 32 -7.55 0.38 -5.48
N THR A 33 -6.44 0.95 -5.95
CA THR A 33 -5.95 0.65 -7.29
C THR A 33 -5.82 -0.85 -7.50
N CYS A 34 -5.40 -1.56 -6.46
CA CYS A 34 -5.22 -3.00 -6.54
C CYS A 34 -6.57 -3.72 -6.37
N GLY A 35 -7.29 -3.37 -5.31
CA GLY A 35 -8.57 -3.98 -5.05
C GLY A 35 -8.61 -4.73 -3.73
N GLY A 36 -8.47 -4.00 -2.64
CA GLY A 36 -8.48 -4.62 -1.32
C GLY A 36 -7.65 -5.88 -1.27
N ASP A 37 -6.59 -5.92 -2.07
CA ASP A 37 -5.71 -7.09 -2.11
C ASP A 37 -4.39 -6.79 -1.39
N LEU A 38 -4.42 -6.84 -0.07
CA LEU A 38 -3.23 -6.58 0.73
C LEU A 38 -1.97 -7.07 0.02
N LYS A 39 -2.04 -8.29 -0.51
CA LYS A 39 -0.91 -8.88 -1.21
C LYS A 39 -0.41 -7.95 -2.31
N GLN A 40 -1.27 -7.68 -3.29
CA GLN A 40 -0.91 -6.81 -4.40
C GLN A 40 -0.57 -5.41 -3.90
N ALA A 41 -1.44 -4.85 -3.05
CA ALA A 41 -1.22 -3.52 -2.50
C ALA A 41 0.26 -3.25 -2.29
N GLU A 42 0.98 -4.27 -1.82
CA GLU A 42 2.42 -4.13 -1.58
C GLU A 42 3.19 -4.05 -2.88
N ILE A 43 2.89 -4.97 -3.80
CA ILE A 43 3.56 -5.01 -5.09
C ILE A 43 3.42 -3.67 -5.82
N TRP A 44 2.24 -3.07 -5.73
CA TRP A 44 1.97 -1.80 -6.37
C TRP A 44 2.92 -0.72 -5.86
N LEU A 45 2.83 -0.44 -4.56
CA LEU A 45 3.69 0.57 -3.94
C LEU A 45 5.14 0.40 -4.37
N HIS A 46 5.64 -0.82 -4.25
CA HIS A 46 7.03 -1.12 -4.63
C HIS A 46 7.25 -0.86 -6.11
N LYS A 47 6.31 -1.31 -6.94
CA LYS A 47 6.40 -1.13 -8.39
C LYS A 47 6.47 0.35 -8.74
N GLU A 48 5.65 1.15 -8.08
CA GLU A 48 5.61 2.59 -8.32
C GLU A 48 6.95 3.23 -7.95
N ALA A 49 7.53 2.78 -6.83
CA ALA A 49 8.80 3.31 -6.38
C ALA A 49 9.93 2.95 -7.34
N GLN A 50 9.95 1.69 -7.77
CA GLN A 50 10.98 1.23 -8.69
C GLN A 50 10.90 1.96 -10.02
N LYS A 51 9.69 2.14 -10.52
CA LYS A 51 9.47 2.83 -11.79
C LYS A 51 9.70 4.33 -11.64
N GLU A 52 8.90 4.97 -10.78
CA GLU A 52 9.02 6.40 -10.54
C GLU A 52 10.34 6.73 -9.86
N GLY A 53 10.52 6.21 -8.65
CA GLY A 53 11.74 6.47 -7.91
C GLY A 53 11.54 7.40 -6.74
N TRP A 54 11.24 6.83 -5.58
CA TRP A 54 11.01 7.63 -4.37
C TRP A 54 12.25 7.67 -3.49
N SER A 55 12.43 8.75 -2.75
CA SER A 55 13.58 8.90 -1.87
C SER A 55 13.38 8.10 -0.58
N LYS A 56 12.20 8.22 0.01
CA LYS A 56 11.89 7.52 1.25
C LYS A 56 11.81 6.01 1.00
N ALA A 57 12.68 5.26 1.67
CA ALA A 57 12.70 3.81 1.54
C ALA A 57 12.62 3.13 2.90
N ALA A 58 11.86 2.04 2.96
CA ALA A 58 11.70 1.29 4.20
C ALA A 58 11.89 -0.20 3.97
N SER A 59 12.89 -0.77 4.63
CA SER A 59 13.17 -2.20 4.49
C SER A 59 13.74 -2.77 5.79
N GLY A 60 13.78 -4.09 5.88
CA GLY A 60 14.30 -4.75 7.08
C GLY A 60 15.77 -5.09 6.96
N PRO A 61 16.22 -6.06 7.77
CA PRO A 61 17.61 -6.51 7.77
C PRO A 61 17.98 -7.27 6.50
N SER A 62 18.38 -6.53 5.47
CA SER A 62 18.76 -7.13 4.20
C SER A 62 20.24 -6.90 3.91
N SER A 63 20.83 -7.83 3.16
CA SER A 63 22.24 -7.73 2.81
C SER A 63 23.13 -7.86 4.06
N GLY A 64 22.73 -8.74 4.96
CA GLY A 64 23.49 -8.94 6.18
C GLY A 64 24.62 -9.92 6.00
N GLY A 1 -12.51 -5.32 -0.02
CA GLY A 1 -12.28 -4.77 1.31
C GLY A 1 -13.35 -5.16 2.30
N SER A 2 -14.38 -4.33 2.44
CA SER A 2 -15.47 -4.60 3.36
C SER A 2 -16.75 -4.95 2.61
N SER A 3 -17.20 -6.19 2.74
CA SER A 3 -18.41 -6.65 2.07
C SER A 3 -19.52 -5.61 2.21
N GLY A 4 -20.11 -5.23 1.07
CA GLY A 4 -21.19 -4.26 1.09
C GLY A 4 -20.67 -2.84 1.01
N SER A 5 -21.59 -1.89 0.80
CA SER A 5 -21.22 -0.48 0.71
C SER A 5 -20.11 -0.15 1.69
N SER A 6 -19.06 0.50 1.19
CA SER A 6 -17.93 0.88 2.02
C SER A 6 -17.43 2.28 1.66
N GLY A 7 -17.48 3.19 2.62
CA GLY A 7 -17.03 4.55 2.38
C GLY A 7 -15.52 4.66 2.37
N SER A 8 -14.92 4.57 3.55
CA SER A 8 -13.46 4.67 3.68
C SER A 8 -12.89 3.45 4.39
N SER A 9 -12.12 2.66 3.65
CA SER A 9 -11.51 1.45 4.21
C SER A 9 -10.36 1.81 5.15
N LYS A 10 -10.71 2.26 6.35
CA LYS A 10 -9.71 2.64 7.34
C LYS A 10 -8.96 1.41 7.85
N GLU A 11 -9.70 0.34 8.12
CA GLU A 11 -9.11 -0.89 8.61
C GLU A 11 -7.99 -1.37 7.68
N LEU A 12 -8.37 -1.92 6.53
CA LEU A 12 -7.41 -2.41 5.56
C LEU A 12 -6.19 -1.50 5.49
N LEU A 13 -6.43 -0.19 5.56
CA LEU A 13 -5.35 0.79 5.52
C LEU A 13 -4.41 0.62 6.71
N MET A 14 -4.99 0.54 7.91
CA MET A 14 -4.21 0.38 9.12
C MET A 14 -3.39 -0.90 9.08
N LYS A 15 -3.99 -1.97 8.57
CA LYS A 15 -3.32 -3.26 8.47
C LYS A 15 -2.23 -3.22 7.41
N LEU A 16 -2.53 -2.59 6.28
CA LEU A 16 -1.57 -2.49 5.18
C LEU A 16 -0.33 -1.71 5.62
N ARG A 17 -0.56 -0.64 6.37
CA ARG A 17 0.54 0.19 6.86
C ARG A 17 1.67 -0.67 7.43
N ARG A 18 1.31 -1.59 8.33
CA ARG A 18 2.29 -2.47 8.95
C ARG A 18 2.78 -3.52 7.96
N LYS A 19 2.03 -3.70 6.88
CA LYS A 19 2.38 -4.67 5.86
C LYS A 19 3.54 -4.15 4.99
N THR A 20 3.46 -2.87 4.63
CA THR A 20 4.50 -2.26 3.80
C THR A 20 5.32 -1.26 4.60
N GLY A 21 4.63 -0.42 5.38
CA GLY A 21 5.32 0.57 6.19
C GLY A 21 5.05 1.98 5.73
N TYR A 22 4.91 2.17 4.42
CA TYR A 22 4.65 3.49 3.86
C TYR A 22 3.52 4.19 4.62
N SER A 23 3.30 5.45 4.28
CA SER A 23 2.27 6.25 4.93
C SER A 23 0.88 5.71 4.60
N PHE A 24 -0.14 6.34 5.15
CA PHE A 24 -1.53 5.93 4.91
C PHE A 24 -1.93 6.18 3.47
N VAL A 25 -2.02 7.45 3.10
CA VAL A 25 -2.40 7.83 1.73
C VAL A 25 -1.85 6.83 0.72
N ASN A 26 -0.65 6.32 0.98
CA ASN A 26 -0.02 5.35 0.09
C ASN A 26 -0.85 4.08 -0.01
N CYS A 27 -0.92 3.33 1.08
CA CYS A 27 -1.69 2.09 1.11
C CYS A 27 -3.09 2.31 0.55
N LYS A 28 -3.74 3.38 0.98
CA LYS A 28 -5.09 3.69 0.52
C LYS A 28 -5.17 3.63 -1.00
N LYS A 29 -4.08 4.01 -1.66
CA LYS A 29 -4.01 4.01 -3.12
C LYS A 29 -3.84 2.58 -3.65
N ALA A 30 -2.66 2.02 -3.44
CA ALA A 30 -2.37 0.66 -3.90
C ALA A 30 -3.58 -0.24 -3.72
N LEU A 31 -4.29 -0.06 -2.62
CA LEU A 31 -5.48 -0.87 -2.32
C LEU A 31 -6.50 -0.75 -3.43
N GLU A 32 -6.87 0.49 -3.77
CA GLU A 32 -7.85 0.74 -4.83
C GLU A 32 -7.37 0.16 -6.16
N THR A 33 -6.20 0.61 -6.60
CA THR A 33 -5.63 0.15 -7.86
C THR A 33 -5.55 -1.38 -7.90
N CYS A 34 -5.15 -1.97 -6.79
CA CYS A 34 -5.04 -3.42 -6.69
C CYS A 34 -6.41 -4.08 -6.63
N GLY A 35 -7.10 -3.88 -5.51
CA GLY A 35 -8.42 -4.46 -5.35
C GLY A 35 -8.67 -4.94 -3.94
N GLY A 36 -8.35 -4.10 -2.96
CA GLY A 36 -8.54 -4.47 -1.57
C GLY A 36 -7.75 -5.68 -1.17
N ASP A 37 -6.65 -5.93 -1.89
CA ASP A 37 -5.79 -7.07 -1.60
C ASP A 37 -4.52 -6.63 -0.88
N LEU A 38 -4.62 -6.45 0.44
CA LEU A 38 -3.49 -6.03 1.24
C LEU A 38 -2.19 -6.61 0.70
N LYS A 39 -2.21 -7.90 0.40
CA LYS A 39 -1.04 -8.58 -0.13
C LYS A 39 -0.52 -7.90 -1.39
N GLN A 40 -1.40 -7.75 -2.37
CA GLN A 40 -1.03 -7.11 -3.63
C GLN A 40 -0.68 -5.64 -3.40
N ALA A 41 -1.55 -4.92 -2.71
CA ALA A 41 -1.32 -3.51 -2.42
C ALA A 41 0.16 -3.22 -2.23
N GLU A 42 0.82 -4.06 -1.43
CA GLU A 42 2.24 -3.90 -1.16
C GLU A 42 3.06 -4.00 -2.44
N ILE A 43 2.80 -5.04 -3.22
CA ILE A 43 3.51 -5.26 -4.48
C ILE A 43 3.47 -4.00 -5.36
N TRP A 44 2.27 -3.45 -5.53
CA TRP A 44 2.09 -2.25 -6.33
C TRP A 44 3.02 -1.13 -5.87
N LEU A 45 2.85 -0.72 -4.62
CA LEU A 45 3.67 0.34 -4.05
C LEU A 45 5.12 0.20 -4.48
N HIS A 46 5.73 -0.93 -4.13
CA HIS A 46 7.12 -1.20 -4.49
C HIS A 46 7.37 -0.92 -5.97
N LYS A 47 6.54 -1.50 -6.82
CA LYS A 47 6.67 -1.32 -8.26
C LYS A 47 6.63 0.16 -8.63
N GLU A 48 5.55 0.82 -8.26
CA GLU A 48 5.39 2.25 -8.55
C GLU A 48 6.61 3.04 -8.06
N ALA A 49 7.09 2.68 -6.88
CA ALA A 49 8.24 3.36 -6.29
C ALA A 49 9.44 3.29 -7.23
N GLN A 50 9.69 2.11 -7.79
CA GLN A 50 10.81 1.92 -8.70
C GLN A 50 10.74 2.90 -9.86
N LYS A 51 9.54 3.13 -10.37
CA LYS A 51 9.34 4.06 -11.47
C LYS A 51 9.27 5.50 -10.98
N GLU A 52 8.14 5.85 -10.37
CA GLU A 52 7.93 7.19 -9.85
C GLU A 52 9.23 7.74 -9.25
N GLY A 53 9.71 7.08 -8.20
CA GLY A 53 10.94 7.52 -7.56
C GLY A 53 10.70 8.12 -6.19
N TRP A 54 9.88 7.45 -5.39
CA TRP A 54 9.55 7.94 -4.06
C TRP A 54 10.79 7.97 -3.18
N SER A 55 11.48 6.84 -3.08
CA SER A 55 12.69 6.75 -2.27
C SER A 55 13.93 6.78 -3.15
N LYS A 56 14.67 7.89 -3.09
CA LYS A 56 15.89 8.05 -3.87
C LYS A 56 17.05 7.31 -3.23
N ALA A 57 17.69 6.44 -4.00
CA ALA A 57 18.83 5.66 -3.51
C ALA A 57 18.36 4.56 -2.57
N ALA A 58 17.31 3.85 -2.96
CA ALA A 58 16.78 2.76 -2.16
C ALA A 58 17.51 1.46 -2.44
N SER A 59 17.68 1.15 -3.72
CA SER A 59 18.36 -0.08 -4.12
C SER A 59 19.27 0.18 -5.32
N GLY A 60 20.35 -0.61 -5.41
CA GLY A 60 21.28 -0.45 -6.51
C GLY A 60 22.23 -1.63 -6.64
N PRO A 61 21.73 -2.74 -7.18
CA PRO A 61 22.52 -3.96 -7.38
C PRO A 61 23.58 -3.79 -8.45
N SER A 62 24.64 -4.61 -8.36
CA SER A 62 25.72 -4.56 -9.32
C SER A 62 25.41 -5.40 -10.56
N SER A 63 24.81 -4.78 -11.56
CA SER A 63 24.46 -5.48 -12.79
C SER A 63 25.70 -5.84 -13.60
N GLY A 64 25.53 -6.70 -14.59
CA GLY A 64 26.65 -7.11 -15.42
C GLY A 64 27.92 -7.31 -14.62
N GLY A 1 -28.57 6.57 15.27
CA GLY A 1 -28.66 7.16 13.95
C GLY A 1 -27.90 6.38 12.90
N SER A 2 -26.65 6.77 12.66
CA SER A 2 -25.82 6.08 11.67
C SER A 2 -24.47 5.71 12.27
N SER A 3 -24.17 4.41 12.26
CA SER A 3 -22.91 3.92 12.80
C SER A 3 -22.13 3.12 11.75
N GLY A 4 -20.94 3.61 11.42
CA GLY A 4 -20.11 2.94 10.43
C GLY A 4 -19.71 3.86 9.29
N SER A 5 -18.89 3.35 8.38
CA SER A 5 -18.42 4.14 7.24
C SER A 5 -18.49 3.32 5.96
N SER A 6 -18.58 4.02 4.83
CA SER A 6 -18.66 3.38 3.53
C SER A 6 -17.56 3.87 2.60
N GLY A 7 -17.04 2.98 1.78
CA GLY A 7 -15.97 3.34 0.85
C GLY A 7 -14.82 2.36 0.88
N SER A 8 -13.65 2.86 1.27
CA SER A 8 -12.45 2.02 1.34
C SER A 8 -12.43 1.20 2.63
N SER A 9 -11.75 0.06 2.59
CA SER A 9 -11.66 -0.82 3.75
C SER A 9 -10.68 -0.26 4.77
N LYS A 10 -11.19 0.56 5.69
CA LYS A 10 -10.37 1.17 6.72
C LYS A 10 -9.51 0.12 7.41
N GLU A 11 -10.16 -0.87 8.01
CA GLU A 11 -9.45 -1.94 8.70
C GLU A 11 -8.26 -2.43 7.88
N LEU A 12 -8.52 -2.78 6.63
CA LEU A 12 -7.48 -3.27 5.74
C LEU A 12 -6.36 -2.24 5.59
N LEU A 13 -6.74 -0.97 5.49
CA LEU A 13 -5.78 0.11 5.34
C LEU A 13 -4.85 0.17 6.55
N MET A 14 -5.39 -0.11 7.72
CA MET A 14 -4.61 -0.09 8.96
C MET A 14 -3.62 -1.26 8.99
N LYS A 15 -4.04 -2.40 8.47
CA LYS A 15 -3.19 -3.59 8.43
C LYS A 15 -2.16 -3.48 7.31
N LEU A 16 -2.56 -2.86 6.20
CA LEU A 16 -1.68 -2.70 5.05
C LEU A 16 -0.58 -1.69 5.35
N ARG A 17 -0.93 -0.64 6.09
CA ARG A 17 0.03 0.39 6.45
C ARG A 17 1.23 -0.20 7.16
N ARG A 18 0.98 -0.96 8.23
CA ARG A 18 2.05 -1.59 8.99
C ARG A 18 2.78 -2.64 8.15
N LYS A 19 2.09 -3.16 7.15
CA LYS A 19 2.67 -4.18 6.28
C LYS A 19 3.71 -3.56 5.35
N THR A 20 3.26 -2.68 4.46
CA THR A 20 4.16 -2.02 3.52
C THR A 20 4.98 -0.93 4.20
N GLY A 21 4.37 -0.27 5.18
CA GLY A 21 5.05 0.79 5.90
C GLY A 21 4.66 2.17 5.41
N TYR A 22 4.39 2.28 4.12
CA TYR A 22 4.01 3.56 3.53
C TYR A 22 2.97 4.27 4.38
N SER A 23 2.82 5.57 4.17
CA SER A 23 1.85 6.36 4.92
C SER A 23 0.42 5.91 4.61
N PHE A 24 -0.54 6.52 5.29
CA PHE A 24 -1.95 6.17 5.10
C PHE A 24 -2.41 6.58 3.70
N VAL A 25 -2.15 7.83 3.33
CA VAL A 25 -2.55 8.34 2.02
C VAL A 25 -1.97 7.48 0.90
N ASN A 26 -0.71 7.07 1.07
CA ASN A 26 -0.03 6.25 0.07
C ASN A 26 -0.75 4.91 -0.09
N CYS A 27 -0.73 4.11 0.97
CA CYS A 27 -1.37 2.79 0.95
C CYS A 27 -2.75 2.88 0.30
N LYS A 28 -3.63 3.70 0.87
CA LYS A 28 -4.98 3.88 0.36
C LYS A 28 -4.99 3.77 -1.17
N LYS A 29 -4.07 4.47 -1.82
CA LYS A 29 -3.97 4.45 -3.26
C LYS A 29 -3.66 3.05 -3.77
N ALA A 30 -2.65 2.43 -3.19
CA ALA A 30 -2.25 1.08 -3.59
C ALA A 30 -3.39 0.08 -3.36
N LEU A 31 -3.92 0.06 -2.15
CA LEU A 31 -5.01 -0.85 -1.80
C LEU A 31 -6.22 -0.60 -2.69
N GLU A 32 -6.55 0.67 -2.89
CA GLU A 32 -7.69 1.04 -3.73
C GLU A 32 -7.49 0.55 -5.17
N THR A 33 -6.40 0.99 -5.78
CA THR A 33 -6.09 0.61 -7.15
C THR A 33 -6.04 -0.91 -7.30
N CYS A 34 -5.47 -1.57 -6.30
CA CYS A 34 -5.35 -3.03 -6.32
C CYS A 34 -6.70 -3.69 -6.12
N GLY A 35 -7.20 -3.64 -4.89
CA GLY A 35 -8.49 -4.24 -4.58
C GLY A 35 -8.58 -4.70 -3.14
N GLY A 36 -7.93 -3.98 -2.24
CA GLY A 36 -7.96 -4.34 -0.84
C GLY A 36 -7.01 -5.47 -0.51
N ASP A 37 -6.55 -6.17 -1.54
CA ASP A 37 -5.63 -7.29 -1.36
C ASP A 37 -4.32 -6.82 -0.74
N LEU A 38 -4.26 -6.78 0.59
CA LEU A 38 -3.07 -6.35 1.30
C LEU A 38 -1.81 -6.88 0.62
N LYS A 39 -1.85 -8.15 0.22
CA LYS A 39 -0.72 -8.77 -0.45
C LYS A 39 -0.30 -7.98 -1.69
N GLN A 40 -1.28 -7.73 -2.57
CA GLN A 40 -1.02 -6.99 -3.80
C GLN A 40 -0.67 -5.54 -3.48
N ALA A 41 -1.52 -4.88 -2.70
CA ALA A 41 -1.30 -3.49 -2.33
C ALA A 41 0.18 -3.20 -2.16
N GLU A 42 0.89 -4.09 -1.48
CA GLU A 42 2.32 -3.93 -1.25
C GLU A 42 3.08 -3.85 -2.57
N ILE A 43 2.89 -4.84 -3.42
CA ILE A 43 3.56 -4.89 -4.71
C ILE A 43 3.40 -3.57 -5.46
N TRP A 44 2.15 -3.12 -5.59
CA TRP A 44 1.86 -1.87 -6.28
C TRP A 44 2.87 -0.78 -5.88
N LEU A 45 2.89 -0.44 -4.60
CA LEU A 45 3.80 0.58 -4.09
C LEU A 45 5.22 0.33 -4.60
N HIS A 46 5.64 -0.93 -4.56
CA HIS A 46 6.98 -1.30 -5.01
C HIS A 46 7.14 -1.04 -6.50
N LYS A 47 6.10 -1.36 -7.26
CA LYS A 47 6.13 -1.17 -8.70
C LYS A 47 6.25 0.30 -9.06
N GLU A 48 5.42 1.14 -8.40
CA GLU A 48 5.44 2.57 -8.65
C GLU A 48 6.77 3.18 -8.24
N ALA A 49 7.28 2.76 -7.08
CA ALA A 49 8.54 3.27 -6.57
C ALA A 49 9.68 2.95 -7.53
N GLN A 50 9.78 1.69 -7.92
CA GLN A 50 10.83 1.26 -8.84
C GLN A 50 10.88 2.16 -10.07
N LYS A 51 9.71 2.51 -10.60
CA LYS A 51 9.62 3.38 -11.76
C LYS A 51 9.92 4.83 -11.40
N GLU A 52 9.07 5.39 -10.55
CA GLU A 52 9.24 6.78 -10.11
C GLU A 52 10.63 7.00 -9.51
N GLY A 53 10.90 6.32 -8.41
CA GLY A 53 12.19 6.44 -7.76
C GLY A 53 12.10 7.17 -6.43
N TRP A 54 11.09 6.83 -5.64
CA TRP A 54 10.89 7.45 -4.34
C TRP A 54 12.08 7.19 -3.42
N SER A 55 12.28 8.09 -2.45
CA SER A 55 13.38 7.95 -1.51
C SER A 55 13.57 6.50 -1.09
N LYS A 56 14.80 6.02 -1.18
CA LYS A 56 15.12 4.64 -0.81
C LYS A 56 16.51 4.54 -0.21
N ALA A 57 16.68 3.65 0.76
CA ALA A 57 17.97 3.46 1.41
C ALA A 57 18.86 2.52 0.59
N ALA A 58 20.13 2.89 0.46
CA ALA A 58 21.08 2.09 -0.29
C ALA A 58 22.36 1.85 0.51
N SER A 59 22.18 1.58 1.81
CA SER A 59 23.33 1.34 2.68
C SER A 59 23.90 -0.06 2.45
N GLY A 60 25.06 -0.31 3.04
CA GLY A 60 25.71 -1.61 2.89
C GLY A 60 25.24 -2.61 3.93
N PRO A 61 26.06 -3.65 4.16
CA PRO A 61 25.75 -4.70 5.13
C PRO A 61 25.81 -4.20 6.57
N SER A 62 24.68 -4.28 7.25
CA SER A 62 24.60 -3.82 8.64
C SER A 62 23.84 -4.84 9.50
N SER A 63 24.18 -4.87 10.79
CA SER A 63 23.54 -5.80 11.71
C SER A 63 23.74 -7.24 11.27
N GLY A 64 24.96 -7.56 10.82
CA GLY A 64 25.25 -8.90 10.37
C GLY A 64 26.65 -9.34 10.76
#